data_2J60
#
_entry.id   2J60
#
_cell.length_a   62.000
_cell.length_b   62.000
_cell.length_c   346.800
_cell.angle_alpha   90.00
_cell.angle_beta   90.00
_cell.angle_gamma   90.00
#
_symmetry.space_group_name_H-M   'P 41 21 2'
#
loop_
_entity.id
_entity.type
_entity.pdbx_description
1 polymer FICOLIN-3
2 non-polymer alpha-D-Abequopyranose
3 non-polymer 'CALCIUM ION'
4 non-polymer 'ACETATE ION'
5 water water
#
_entity_poly.entity_id   1
_entity_poly.type   'polypeptide(L)'
_entity_poly.pdbx_seq_one_letter_code
;DLVNLLRCQEGPRNCRELLSQGATLSGWYHLCLPEGRALPVFCDMDTEGGGWLVFQRRQDGSVDFFRSWSSYRAGFGNQE
SEFWLGNENLHQLTLQGNWELRVELEDFNGNRTFAHYATFRLLGEVDHYQLALGKFSEGTAGDSLSLHSGRPFTTYDADH
DSSNSNCAVIVHGAWWYASCYRSNLNGRYAVSEAAAHKYGIDWASGRGVGHPYRRVRMMLR
;
_entity_poly.pdbx_strand_id   A,B,C
#
# COMPACT_ATOMS: atom_id res chain seq x y z
N CYS A 8 -8.73 6.71 -21.08
CA CYS A 8 -8.36 8.11 -20.68
C CYS A 8 -8.22 9.06 -21.88
N GLN A 9 -9.06 10.10 -21.89
CA GLN A 9 -8.94 11.16 -22.88
C GLN A 9 -7.53 11.69 -22.74
N GLU A 10 -7.25 12.26 -21.57
N GLU A 10 -7.25 12.25 -21.57
CA GLU A 10 -5.91 12.64 -21.18
CA GLU A 10 -5.88 12.54 -21.16
C GLU A 10 -5.69 12.59 -19.66
C GLU A 10 -5.72 12.64 -19.65
N GLY A 11 -4.55 13.12 -19.23
CA GLY A 11 -4.13 13.08 -17.84
C GLY A 11 -2.64 13.22 -17.97
N PRO A 12 -1.89 12.99 -16.88
CA PRO A 12 -0.45 13.22 -16.88
C PRO A 12 0.30 12.24 -17.76
N ARG A 13 1.27 12.71 -18.52
CA ARG A 13 2.03 11.82 -19.37
C ARG A 13 3.15 11.06 -18.62
N ASN A 14 3.53 11.52 -17.43
CA ASN A 14 4.67 10.96 -16.73
C ASN A 14 4.76 11.47 -15.30
N CYS A 15 5.73 10.98 -14.52
CA CYS A 15 5.80 11.32 -13.09
C CYS A 15 6.28 12.75 -12.83
N ARG A 16 7.07 13.28 -13.75
CA ARG A 16 7.50 14.68 -13.68
C ARG A 16 6.31 15.64 -13.74
N GLU A 17 5.39 15.36 -14.64
CA GLU A 17 4.18 16.17 -14.73
C GLU A 17 3.33 16.10 -13.47
N LEU A 18 3.21 14.90 -12.90
CA LEU A 18 2.47 14.74 -11.67
C LEU A 18 3.08 15.59 -10.56
N LEU A 19 4.41 15.49 -10.42
CA LEU A 19 5.10 16.26 -9.40
C LEU A 19 4.83 17.76 -9.59
N SER A 20 4.98 18.21 -10.84
CA SER A 20 4.79 19.63 -11.19
C SER A 20 3.41 20.17 -10.84
N GLN A 21 2.44 19.28 -10.72
CA GLN A 21 1.07 19.70 -10.46
C GLN A 21 0.73 19.49 -8.98
N GLY A 22 1.76 19.14 -8.20
CA GLY A 22 1.63 19.13 -6.76
C GLY A 22 1.45 17.76 -6.13
N ALA A 23 1.62 16.69 -6.89
CA ALA A 23 1.62 15.35 -6.30
C ALA A 23 3.03 15.06 -5.80
N THR A 24 3.28 15.40 -4.55
CA THR A 24 4.62 15.34 -4.00
C THR A 24 4.91 14.09 -3.18
N LEU A 25 3.92 13.20 -3.03
CA LEU A 25 4.15 11.97 -2.29
C LEU A 25 4.35 10.77 -3.24
N SER A 26 5.44 10.03 -3.05
CA SER A 26 5.66 8.85 -3.89
C SER A 26 4.48 7.91 -3.74
N GLY A 27 4.10 7.22 -4.80
CA GLY A 27 3.05 6.22 -4.63
C GLY A 27 2.41 5.89 -5.97
N TRP A 28 1.26 5.24 -5.93
CA TRP A 28 0.66 4.76 -7.20
C TRP A 28 -0.22 5.82 -7.80
N TYR A 29 0.04 6.16 -9.07
CA TYR A 29 -0.72 7.16 -9.81
C TYR A 29 -1.11 6.59 -11.17
N HIS A 30 -1.96 7.29 -11.90
CA HIS A 30 -2.32 6.85 -13.26
C HIS A 30 -1.68 7.80 -14.25
N LEU A 31 -1.04 7.22 -15.26
CA LEU A 31 -0.53 7.97 -16.38
C LEU A 31 -1.50 7.69 -17.49
N CYS A 32 -1.65 8.65 -18.39
CA CYS A 32 -2.42 8.45 -19.60
C CYS A 32 -1.39 8.26 -20.70
N LEU A 33 -1.36 7.06 -21.29
CA LEU A 33 -0.35 6.74 -22.31
C LEU A 33 -0.75 7.32 -23.67
N PRO A 34 0.22 7.44 -24.59
CA PRO A 34 0.01 8.05 -25.91
C PRO A 34 -1.17 7.47 -26.69
N GLU A 35 -1.46 6.19 -26.51
CA GLU A 35 -2.60 5.56 -27.21
C GLU A 35 -3.92 5.81 -26.50
N GLY A 36 -3.89 6.53 -25.39
CA GLY A 36 -5.12 6.84 -24.69
C GLY A 36 -5.56 5.76 -23.72
N ARG A 37 -4.60 5.03 -23.18
CA ARG A 37 -4.86 4.02 -22.18
C ARG A 37 -4.28 4.45 -20.84
N ALA A 38 -5.03 4.27 -19.74
CA ALA A 38 -4.55 4.69 -18.42
C ALA A 38 -3.77 3.58 -17.78
N LEU A 39 -2.63 3.92 -17.18
CA LEU A 39 -1.75 2.93 -16.62
C LEU A 39 -1.36 3.32 -15.20
N PRO A 40 -1.65 2.45 -14.23
CA PRO A 40 -1.20 2.64 -12.83
C PRO A 40 0.31 2.47 -12.80
N VAL A 41 1.04 3.45 -12.24
CA VAL A 41 2.49 3.35 -12.14
C VAL A 41 2.88 3.87 -10.76
N PHE A 42 4.02 3.40 -10.29
CA PHE A 42 4.61 3.92 -9.08
C PHE A 42 5.56 5.09 -9.38
N CYS A 43 5.23 6.26 -8.84
CA CYS A 43 6.09 7.44 -9.00
C CYS A 43 6.90 7.70 -7.74
N ASP A 44 8.21 7.85 -7.88
CA ASP A 44 9.04 8.21 -6.73
C ASP A 44 9.21 9.71 -6.87
N MET A 45 8.61 10.44 -5.93
CA MET A 45 8.58 11.91 -5.97
C MET A 45 9.68 12.52 -5.11
N ASP A 46 10.46 11.63 -4.50
CA ASP A 46 11.38 12.04 -3.44
C ASP A 46 12.84 11.84 -3.82
N THR A 47 13.21 10.69 -4.35
CA THR A 47 14.64 10.49 -4.62
C THR A 47 15.16 11.30 -5.81
N GLU A 48 16.34 11.90 -5.63
CA GLU A 48 17.06 12.69 -6.64
C GLU A 48 16.24 13.78 -7.33
N GLY A 49 15.40 14.46 -6.57
CA GLY A 49 14.56 15.52 -7.12
C GLY A 49 13.16 15.03 -7.44
N GLY A 50 13.01 13.70 -7.47
CA GLY A 50 11.71 13.11 -7.72
C GLY A 50 11.32 13.08 -9.19
N GLY A 51 10.19 12.45 -9.47
CA GLY A 51 9.62 12.39 -10.81
C GLY A 51 10.00 11.12 -11.55
N TRP A 52 10.37 10.09 -10.78
CA TRP A 52 10.87 8.82 -11.32
C TRP A 52 9.75 7.80 -11.42
N LEU A 53 9.70 7.13 -12.56
N LEU A 53 9.65 7.15 -12.58
CA LEU A 53 8.77 6.06 -12.81
CA LEU A 53 8.68 6.09 -12.74
C LEU A 53 9.43 4.75 -12.46
C LEU A 53 9.37 4.78 -12.46
N VAL A 54 8.97 4.13 -11.39
CA VAL A 54 9.59 2.89 -10.94
C VAL A 54 8.93 1.73 -11.68
N PHE A 55 9.68 1.05 -12.56
CA PHE A 55 9.07 -0.02 -13.39
C PHE A 55 9.45 -1.43 -12.98
N GLN A 56 10.36 -1.55 -12.02
CA GLN A 56 10.74 -2.84 -11.52
C GLN A 56 11.20 -2.66 -10.07
N ARG A 57 10.88 -3.63 -9.23
CA ARG A 57 11.22 -3.58 -7.83
C ARG A 57 11.30 -4.99 -7.33
N ARG A 58 12.37 -5.31 -6.61
CA ARG A 58 12.54 -6.55 -5.86
C ARG A 58 12.75 -6.17 -4.40
N GLN A 59 12.13 -6.91 -3.48
CA GLN A 59 12.16 -6.52 -2.06
C GLN A 59 12.19 -7.75 -1.12
N ASP A 60 11.51 -8.84 -1.49
CA ASP A 60 11.32 -9.91 -0.50
C ASP A 60 11.15 -11.32 -1.04
N GLY A 61 11.15 -11.46 -2.36
CA GLY A 61 10.92 -12.76 -2.97
C GLY A 61 9.46 -13.18 -2.93
N SER A 62 8.54 -12.25 -2.67
CA SER A 62 7.14 -12.62 -2.55
C SER A 62 6.53 -12.92 -3.92
N VAL A 63 7.12 -12.37 -4.98
CA VAL A 63 6.58 -12.53 -6.33
C VAL A 63 7.47 -13.41 -7.20
N ASP A 64 6.89 -14.33 -7.97
CA ASP A 64 7.66 -15.20 -8.86
C ASP A 64 8.06 -14.47 -10.12
N PHE A 65 9.36 -14.32 -10.35
CA PHE A 65 9.81 -13.59 -11.53
C PHE A 65 10.10 -14.48 -12.74
N PHE A 66 10.02 -15.80 -12.54
CA PHE A 66 10.27 -16.72 -13.64
C PHE A 66 9.02 -16.87 -14.51
N ARG A 67 8.77 -15.91 -15.39
CA ARG A 67 7.48 -15.84 -16.08
C ARG A 67 7.60 -15.81 -17.60
N SER A 68 6.48 -16.04 -18.27
CA SER A 68 6.44 -16.22 -19.70
C SER A 68 6.59 -14.91 -20.47
N TRP A 69 6.68 -15.04 -21.79
CA TRP A 69 6.72 -13.88 -22.66
C TRP A 69 5.50 -12.98 -22.41
N SER A 70 4.30 -13.59 -22.33
CA SER A 70 3.09 -12.78 -22.21
C SER A 70 3.04 -12.03 -20.88
N SER A 71 3.50 -12.68 -19.81
CA SER A 71 3.52 -12.03 -18.48
C SER A 71 4.49 -10.87 -18.45
N TYR A 72 5.69 -11.07 -19.00
CA TYR A 72 6.63 -9.93 -19.15
C TYR A 72 6.11 -8.83 -20.07
N ARG A 73 5.40 -9.19 -21.12
CA ARG A 73 4.80 -8.20 -22.00
C ARG A 73 3.77 -7.35 -21.25
N ALA A 74 2.90 -8.01 -20.48
CA ALA A 74 1.76 -7.30 -19.86
C ALA A 74 2.04 -6.73 -18.48
N GLY A 75 3.07 -7.25 -17.83
CA GLY A 75 3.39 -6.85 -16.46
C GLY A 75 2.77 -7.82 -15.46
N PHE A 76 3.32 -7.84 -14.25
CA PHE A 76 2.89 -8.75 -13.18
C PHE A 76 3.47 -8.35 -11.81
N GLY A 77 2.90 -8.93 -10.75
CA GLY A 77 3.33 -8.62 -9.40
C GLY A 77 2.31 -7.87 -8.55
N ASN A 78 2.76 -7.31 -7.44
N ASN A 78 2.78 -7.28 -7.46
CA ASN A 78 1.82 -6.64 -6.53
CA ASN A 78 1.92 -6.65 -6.49
C ASN A 78 2.25 -5.21 -6.23
C ASN A 78 2.30 -5.18 -6.28
N GLN A 79 1.31 -4.30 -6.42
CA GLN A 79 1.52 -2.90 -6.12
C GLN A 79 2.20 -2.62 -4.77
N GLU A 80 1.92 -3.42 -3.76
N GLU A 80 1.88 -3.44 -3.77
CA GLU A 80 2.50 -3.10 -2.45
CA GLU A 80 2.44 -3.26 -2.43
C GLU A 80 3.88 -3.72 -2.24
C GLU A 80 3.95 -3.53 -2.40
N SER A 81 4.35 -4.48 -3.23
CA SER A 81 5.68 -5.03 -3.15
C SER A 81 6.36 -5.09 -4.51
N GLU A 82 6.69 -6.30 -4.95
CA GLU A 82 7.49 -6.52 -6.15
C GLU A 82 6.67 -6.56 -7.43
N PHE A 83 7.23 -6.03 -8.53
CA PHE A 83 6.50 -6.01 -9.78
C PHE A 83 7.44 -5.81 -10.98
N TRP A 84 6.91 -6.13 -12.17
CA TRP A 84 7.49 -5.77 -13.44
C TRP A 84 6.33 -5.05 -14.15
N LEU A 85 6.52 -3.79 -14.54
CA LEU A 85 5.43 -2.96 -15.08
C LEU A 85 4.88 -3.51 -16.42
N GLY A 86 5.77 -4.12 -17.22
CA GLY A 86 5.37 -4.75 -18.50
C GLY A 86 6.11 -4.12 -19.66
N ASN A 87 6.62 -4.98 -20.55
CA ASN A 87 7.39 -4.55 -21.71
C ASN A 87 6.64 -3.67 -22.69
N GLU A 88 5.37 -3.99 -22.93
CA GLU A 88 4.55 -3.21 -23.86
C GLU A 88 4.32 -1.83 -23.29
N ASN A 89 4.02 -1.75 -21.99
CA ASN A 89 3.96 -0.44 -21.30
C ASN A 89 5.27 0.36 -21.43
N LEU A 90 6.40 -0.30 -21.19
CA LEU A 90 7.69 0.38 -21.31
C LEU A 90 7.98 0.81 -22.75
N HIS A 91 7.68 -0.06 -23.72
CA HIS A 91 7.77 0.30 -25.13
C HIS A 91 6.92 1.53 -25.42
N GLN A 92 5.67 1.53 -24.97
CA GLN A 92 4.79 2.67 -25.26
C GLN A 92 5.24 3.96 -24.56
N LEU A 93 5.62 3.84 -23.28
CA LEU A 93 6.13 4.99 -22.56
C LEU A 93 7.33 5.59 -23.26
N THR A 94 8.22 4.75 -23.74
CA THR A 94 9.52 5.24 -24.21
C THR A 94 9.56 5.52 -25.71
N LEU A 95 8.40 5.46 -26.37
CA LEU A 95 8.30 5.74 -27.81
C LEU A 95 8.67 7.20 -28.07
N GLN A 96 8.28 8.06 -27.13
CA GLN A 96 8.58 9.50 -27.23
C GLN A 96 9.41 9.96 -26.03
N GLY A 97 10.18 11.02 -26.21
CA GLY A 97 10.93 11.59 -25.09
C GLY A 97 12.21 10.84 -24.75
N ASN A 98 13.09 11.50 -24.01
CA ASN A 98 14.27 10.84 -23.51
C ASN A 98 14.03 10.51 -22.04
N TRP A 99 14.26 9.27 -21.67
CA TRP A 99 14.04 8.80 -20.32
C TRP A 99 15.34 8.24 -19.79
N GLU A 100 15.86 8.81 -18.70
N GLU A 100 15.86 8.81 -18.70
CA GLU A 100 17.09 8.30 -18.12
CA GLU A 100 17.09 8.31 -18.10
C GLU A 100 16.80 7.10 -17.23
C GLU A 100 16.79 7.11 -17.23
N LEU A 101 17.71 6.16 -17.19
CA LEU A 101 17.53 4.95 -16.39
C LEU A 101 18.36 5.09 -15.11
N ARG A 102 17.71 4.90 -13.97
CA ARG A 102 18.41 4.73 -12.69
C ARG A 102 18.12 3.36 -12.12
N VAL A 103 19.19 2.62 -11.84
CA VAL A 103 19.14 1.32 -11.17
C VAL A 103 19.62 1.52 -9.72
N GLU A 104 18.86 1.00 -8.76
CA GLU A 104 19.24 1.10 -7.36
C GLU A 104 19.37 -0.29 -6.79
N LEU A 105 20.48 -0.55 -6.11
CA LEU A 105 20.77 -1.88 -5.59
C LEU A 105 21.11 -1.76 -4.11
N GLU A 106 20.62 -2.70 -3.32
CA GLU A 106 20.91 -2.71 -1.89
C GLU A 106 21.27 -4.12 -1.49
N ASP A 107 22.44 -4.29 -0.89
CA ASP A 107 22.85 -5.62 -0.49
C ASP A 107 22.33 -5.96 0.90
N PHE A 108 22.65 -7.16 1.34
CA PHE A 108 22.13 -7.69 2.59
C PHE A 108 22.67 -6.95 3.81
N ASN A 109 23.71 -6.14 3.60
CA ASN A 109 24.21 -5.27 4.66
C ASN A 109 23.52 -3.91 4.69
N GLY A 110 22.78 -3.59 3.64
CA GLY A 110 22.10 -2.32 3.56
C GLY A 110 22.92 -1.25 2.84
N ASN A 111 24.04 -1.65 2.24
CA ASN A 111 24.85 -0.75 1.43
C ASN A 111 24.14 -0.50 0.09
N ARG A 112 23.86 0.77 -0.20
N ARG A 112 23.92 0.77 -0.23
CA ARG A 112 23.21 1.10 -1.45
CA ARG A 112 23.17 1.14 -1.44
C ARG A 112 24.23 1.51 -2.51
C ARG A 112 24.06 1.71 -2.55
N THR A 113 23.96 1.13 -3.75
CA THR A 113 24.80 1.52 -4.87
C THR A 113 23.89 1.72 -6.06
N PHE A 114 24.32 2.56 -7.01
N PHE A 114 24.39 2.40 -7.08
CA PHE A 114 23.45 3.01 -8.10
CA PHE A 114 23.53 2.85 -8.15
C PHE A 114 24.18 3.09 -9.44
C PHE A 114 24.21 2.77 -9.49
N ALA A 115 23.42 3.01 -10.53
CA ALA A 115 23.96 3.10 -11.88
C ALA A 115 22.99 3.93 -12.71
N HIS A 116 23.52 4.83 -13.53
CA HIS A 116 22.73 5.79 -14.29
C HIS A 116 23.13 5.76 -15.76
N TYR A 117 22.14 5.59 -16.64
CA TYR A 117 22.34 5.60 -18.10
C TYR A 117 21.52 6.71 -18.73
N ALA A 118 22.09 7.39 -19.73
CA ALA A 118 21.49 8.62 -20.28
C ALA A 118 20.07 8.44 -20.84
N THR A 119 19.82 7.35 -21.56
CA THR A 119 18.50 7.11 -22.13
C THR A 119 18.15 5.62 -22.02
N PHE A 120 16.85 5.32 -22.02
CA PHE A 120 16.40 3.95 -22.03
C PHE A 120 15.14 3.87 -22.87
N ARG A 121 15.13 2.91 -23.77
CA ARG A 121 14.00 2.73 -24.68
C ARG A 121 13.87 1.24 -24.99
N LEU A 122 12.65 0.76 -25.13
CA LEU A 122 12.43 -0.61 -25.61
C LEU A 122 11.79 -0.56 -27.00
N LEU A 123 12.31 -1.36 -27.93
CA LEU A 123 11.66 -1.49 -29.24
C LEU A 123 10.40 -2.28 -29.03
N GLY A 124 9.65 -2.51 -30.13
CA GLY A 124 8.32 -3.12 -30.08
C GLY A 124 8.39 -4.63 -29.98
N GLU A 125 7.22 -5.27 -29.88
CA GLU A 125 7.23 -6.73 -29.73
C GLU A 125 7.78 -7.44 -30.96
N VAL A 126 7.59 -6.85 -32.14
CA VAL A 126 8.12 -7.42 -33.39
C VAL A 126 9.65 -7.61 -33.28
N ASP A 127 10.30 -6.68 -32.60
CA ASP A 127 11.74 -6.79 -32.33
C ASP A 127 12.01 -7.34 -30.95
N HIS A 128 11.07 -8.08 -30.39
CA HIS A 128 11.27 -8.74 -29.09
C HIS A 128 11.65 -7.75 -27.98
N TYR A 129 11.07 -6.57 -28.00
CA TYR A 129 11.35 -5.56 -26.96
C TYR A 129 12.85 -5.33 -26.78
N GLN A 130 13.56 -5.31 -27.90
CA GLN A 130 15.00 -5.07 -27.88
C GLN A 130 15.33 -3.83 -27.06
N LEU A 131 16.40 -3.91 -26.26
CA LEU A 131 16.84 -2.80 -25.42
C LEU A 131 17.66 -1.79 -26.20
N ALA A 132 17.27 -0.52 -26.11
CA ALA A 132 18.08 0.59 -26.65
C ALA A 132 18.53 1.48 -25.48
N LEU A 133 19.80 1.33 -25.10
CA LEU A 133 20.31 1.91 -23.88
C LEU A 133 21.35 2.98 -24.18
N GLY A 134 21.19 4.15 -23.56
CA GLY A 134 22.16 5.24 -23.66
C GLY A 134 23.44 4.93 -22.93
N LYS A 135 24.38 5.87 -22.94
CA LYS A 135 25.68 5.62 -22.32
C LYS A 135 25.63 5.79 -20.79
N PHE A 136 26.47 5.04 -20.13
CA PHE A 136 26.64 5.08 -18.68
C PHE A 136 27.15 6.45 -18.26
N SER A 137 26.46 7.08 -17.31
CA SER A 137 26.94 8.38 -16.83
C SER A 137 27.70 8.21 -15.53
N GLU A 138 27.04 7.77 -14.47
CA GLU A 138 27.75 7.54 -13.20
C GLU A 138 27.10 6.42 -12.40
N GLY A 139 27.86 5.86 -11.47
CA GLY A 139 27.28 4.88 -10.58
C GLY A 139 28.29 4.04 -9.84
N THR A 140 28.16 4.06 -8.53
CA THR A 140 28.99 3.28 -7.63
C THR A 140 28.89 1.79 -7.96
N ALA A 141 27.78 1.37 -8.56
CA ALA A 141 27.60 -0.04 -8.83
C ALA A 141 28.35 -0.46 -10.11
N GLY A 142 28.77 0.51 -10.90
CA GLY A 142 29.43 0.20 -12.16
C GLY A 142 28.43 -0.18 -13.25
N ASP A 143 28.96 -0.42 -14.44
CA ASP A 143 28.13 -0.61 -15.62
C ASP A 143 28.00 -2.08 -15.90
N SER A 144 26.81 -2.60 -15.72
CA SER A 144 26.56 -3.99 -16.03
C SER A 144 25.40 -4.19 -17.02
N LEU A 145 24.95 -3.10 -17.64
CA LEU A 145 23.84 -3.19 -18.59
C LEU A 145 24.27 -2.92 -20.03
N SER A 146 25.43 -2.29 -20.23
CA SER A 146 25.87 -1.95 -21.58
C SER A 146 25.96 -3.13 -22.52
N LEU A 147 26.56 -4.22 -22.02
CA LEU A 147 26.56 -5.48 -22.74
C LEU A 147 25.19 -5.76 -23.35
N HIS A 148 24.13 -5.43 -22.62
CA HIS A 148 22.80 -5.88 -23.00
C HIS A 148 22.08 -4.98 -24.00
N SER A 149 22.65 -3.80 -24.26
CA SER A 149 22.08 -2.92 -25.25
C SER A 149 22.10 -3.59 -26.61
N GLY A 150 21.06 -3.36 -27.38
CA GLY A 150 20.97 -3.94 -28.71
C GLY A 150 20.50 -5.39 -28.74
N ARG A 151 20.15 -5.93 -27.58
CA ARG A 151 19.77 -7.35 -27.46
C ARG A 151 18.27 -7.51 -27.22
N PRO A 152 17.69 -8.56 -27.81
CA PRO A 152 16.25 -8.80 -27.67
C PRO A 152 15.99 -9.37 -26.27
N PHE A 153 14.75 -9.25 -25.80
CA PHE A 153 14.41 -9.80 -24.51
C PHE A 153 14.19 -11.28 -24.71
N THR A 154 14.63 -12.12 -23.75
CA THR A 154 14.18 -13.54 -23.80
C THR A 154 13.61 -14.08 -22.50
N THR A 155 12.68 -15.04 -22.67
CA THR A 155 11.96 -15.69 -21.55
C THR A 155 12.04 -17.20 -21.77
N TYR A 156 11.59 -18.00 -20.81
CA TYR A 156 11.68 -19.46 -20.99
C TYR A 156 10.90 -19.99 -22.21
N ASP A 157 9.91 -19.23 -22.69
CA ASP A 157 9.14 -19.72 -23.83
C ASP A 157 9.41 -18.90 -25.07
N ALA A 158 10.41 -18.03 -25.00
CA ALA A 158 10.78 -17.18 -26.12
C ALA A 158 12.29 -16.93 -26.10
N ASP A 159 13.05 -17.85 -26.69
CA ASP A 159 14.50 -17.76 -26.70
C ASP A 159 15.00 -16.93 -27.87
N HIS A 160 15.58 -15.77 -27.58
CA HIS A 160 16.05 -14.88 -28.63
C HIS A 160 17.51 -14.53 -28.40
N ASP A 161 18.13 -15.18 -27.43
CA ASP A 161 19.45 -14.76 -27.03
C ASP A 161 20.50 -15.25 -28.03
N SER A 162 21.77 -15.15 -27.64
CA SER A 162 22.86 -15.50 -28.55
C SER A 162 23.49 -16.79 -28.05
N SER A 163 22.76 -17.52 -27.22
CA SER A 163 23.27 -18.77 -26.68
C SER A 163 22.73 -19.98 -27.43
N ASN A 164 23.47 -21.08 -27.36
N ASN A 164 23.48 -21.08 -27.35
CA ASN A 164 23.02 -22.35 -27.94
CA ASN A 164 23.05 -22.38 -27.89
C ASN A 164 21.90 -22.95 -27.10
N SER A 165 21.73 -22.43 -25.91
CA SER A 165 20.62 -22.84 -25.06
C SER A 165 19.72 -21.63 -24.79
N ASN A 166 18.77 -21.83 -23.89
CA ASN A 166 17.85 -20.80 -23.49
C ASN A 166 18.27 -20.24 -22.14
N CYS A 167 18.86 -19.04 -22.19
CA CYS A 167 19.49 -18.40 -21.03
C CYS A 167 18.55 -18.15 -19.85
N ALA A 168 17.29 -17.88 -20.18
CA ALA A 168 16.25 -17.64 -19.20
C ALA A 168 16.05 -18.89 -18.35
N VAL A 169 15.95 -20.03 -19.01
CA VAL A 169 15.88 -21.31 -18.31
C VAL A 169 17.16 -21.54 -17.52
N ILE A 170 18.30 -21.57 -18.21
CA ILE A 170 19.60 -21.82 -17.55
C ILE A 170 19.77 -20.99 -16.27
N VAL A 171 19.47 -19.69 -16.35
CA VAL A 171 19.74 -18.79 -15.24
C VAL A 171 18.48 -18.39 -14.43
N HIS A 172 17.32 -18.87 -14.86
CA HIS A 172 16.05 -18.69 -14.15
C HIS A 172 15.56 -17.23 -14.07
N GLY A 173 15.32 -16.61 -15.20
CA GLY A 173 14.82 -15.23 -15.16
C GLY A 173 14.36 -14.82 -16.52
N ALA A 174 14.44 -13.53 -16.77
CA ALA A 174 14.05 -12.96 -18.05
C ALA A 174 14.84 -11.67 -18.18
N TRP A 175 15.45 -11.49 -19.34
CA TRP A 175 16.33 -10.35 -19.54
C TRP A 175 16.70 -10.26 -21.02
N TRP A 176 17.45 -9.22 -21.34
CA TRP A 176 17.93 -9.04 -22.70
C TRP A 176 19.19 -9.86 -22.79
N TYR A 177 19.04 -11.18 -22.66
CA TYR A 177 20.20 -12.07 -22.54
C TYR A 177 21.13 -12.06 -23.73
N ALA A 178 22.41 -12.25 -23.44
CA ALA A 178 23.41 -12.52 -24.47
C ALA A 178 23.71 -14.02 -24.42
N SER A 179 24.71 -14.39 -23.65
CA SER A 179 24.98 -15.79 -23.35
C SER A 179 25.90 -15.91 -22.15
N CYS A 180 25.45 -15.45 -20.97
CA CYS A 180 24.09 -14.94 -20.77
C CYS A 180 23.91 -13.49 -20.29
N TYR A 181 24.67 -13.09 -19.27
N TYR A 181 24.64 -13.11 -19.25
CA TYR A 181 24.49 -11.73 -18.76
CA TYR A 181 24.46 -11.77 -18.69
C TYR A 181 25.64 -11.13 -17.95
C TYR A 181 25.63 -11.14 -17.92
N ARG A 182 25.55 -9.82 -17.77
CA ARG A 182 26.36 -9.07 -16.81
C ARG A 182 25.43 -8.60 -15.67
N SER A 183 24.11 -8.54 -15.95
CA SER A 183 23.08 -8.22 -14.94
C SER A 183 21.88 -9.14 -15.13
N ASN A 184 21.14 -9.37 -14.05
CA ASN A 184 20.06 -10.35 -14.05
C ASN A 184 19.05 -9.95 -12.97
N LEU A 185 18.57 -8.72 -13.02
CA LEU A 185 17.77 -8.17 -11.92
C LEU A 185 16.36 -8.79 -11.75
N ASN A 186 15.92 -9.53 -12.76
CA ASN A 186 14.65 -10.23 -12.73
C ASN A 186 14.90 -11.69 -12.38
N GLY A 187 16.11 -11.97 -11.92
CA GLY A 187 16.47 -13.35 -11.57
C GLY A 187 15.90 -13.79 -10.24
N ARG A 188 16.23 -15.02 -9.83
CA ARG A 188 15.59 -15.64 -8.69
C ARG A 188 15.96 -15.03 -7.35
N TYR A 189 14.95 -14.80 -6.51
CA TYR A 189 15.19 -14.15 -5.24
C TYR A 189 15.87 -15.07 -4.23
N ALA A 190 16.71 -14.48 -3.39
CA ALA A 190 17.39 -15.22 -2.34
C ALA A 190 17.43 -14.34 -1.10
N VAL A 191 17.04 -14.90 0.05
CA VAL A 191 16.89 -14.12 1.26
C VAL A 191 18.19 -13.84 2.01
N SER A 192 19.25 -14.56 1.69
CA SER A 192 20.58 -14.27 2.22
C SER A 192 21.68 -14.76 1.27
N GLU A 193 22.91 -14.34 1.52
CA GLU A 193 24.08 -14.82 0.77
C GLU A 193 24.27 -16.33 0.91
N ALA A 194 23.74 -16.93 1.98
CA ALA A 194 23.84 -18.37 2.17
C ALA A 194 22.82 -19.14 1.33
N ALA A 195 21.70 -18.47 1.02
CA ALA A 195 20.70 -19.09 0.16
C ALA A 195 20.89 -18.69 -1.29
N ALA A 196 21.98 -17.96 -1.56
CA ALA A 196 22.30 -17.48 -2.89
C ALA A 196 22.32 -18.58 -3.95
N HIS A 197 21.81 -18.25 -5.14
CA HIS A 197 21.79 -19.17 -6.27
C HIS A 197 23.01 -18.98 -7.16
N LYS A 198 23.30 -19.99 -7.98
CA LYS A 198 24.41 -19.92 -8.91
C LYS A 198 24.28 -18.62 -9.72
N TYR A 199 23.09 -18.41 -10.29
CA TYR A 199 22.77 -17.16 -10.94
C TYR A 199 21.58 -16.55 -10.22
N GLY A 200 21.75 -15.35 -9.65
CA GLY A 200 20.68 -14.67 -8.91
C GLY A 200 20.40 -13.25 -9.40
N ILE A 201 20.02 -12.38 -8.48
CA ILE A 201 19.77 -10.96 -8.75
C ILE A 201 21.13 -10.28 -8.70
N ASP A 202 21.86 -10.45 -9.81
CA ASP A 202 23.27 -10.15 -9.87
C ASP A 202 23.52 -8.87 -10.68
N TRP A 203 24.56 -8.13 -10.27
CA TRP A 203 25.10 -6.99 -11.03
C TRP A 203 26.63 -7.20 -11.17
N ALA A 204 27.12 -7.62 -12.33
CA ALA A 204 28.52 -8.10 -12.41
C ALA A 204 29.57 -7.09 -11.89
N SER A 205 29.47 -5.84 -12.32
CA SER A 205 30.43 -4.82 -11.93
C SER A 205 30.26 -4.40 -10.48
N GLY A 206 29.16 -4.82 -9.86
CA GLY A 206 28.94 -4.53 -8.46
C GLY A 206 29.52 -5.64 -7.62
N ARG A 207 28.67 -6.53 -7.14
CA ARG A 207 29.13 -7.61 -6.28
C ARG A 207 29.48 -8.85 -7.08
N GLY A 208 29.25 -8.81 -8.39
CA GLY A 208 29.62 -9.93 -9.25
C GLY A 208 28.60 -11.04 -9.35
N VAL A 209 28.77 -11.91 -10.35
CA VAL A 209 27.83 -13.00 -10.60
C VAL A 209 27.82 -13.96 -9.42
N GLY A 210 26.64 -14.41 -9.02
CA GLY A 210 26.53 -15.34 -7.89
C GLY A 210 26.43 -14.65 -6.54
N HIS A 211 26.54 -13.33 -6.53
CA HIS A 211 26.47 -12.55 -5.29
C HIS A 211 25.31 -11.53 -5.34
N PRO A 212 24.11 -12.01 -4.94
CA PRO A 212 22.82 -11.33 -5.15
C PRO A 212 22.60 -10.12 -4.28
N TYR A 213 21.61 -9.32 -4.62
CA TYR A 213 21.20 -8.21 -3.81
C TYR A 213 19.88 -8.51 -3.12
N ARG A 214 19.64 -7.77 -2.04
N ARG A 214 19.59 -7.78 -2.06
CA ARG A 214 18.47 -7.88 -1.16
CA ARG A 214 18.37 -7.99 -1.32
C ARG A 214 17.27 -7.04 -1.67
C ARG A 214 17.23 -7.11 -1.87
N ARG A 215 17.58 -5.89 -2.28
CA ARG A 215 16.59 -5.00 -2.88
C ARG A 215 17.13 -4.38 -4.18
N VAL A 216 16.22 -4.16 -5.12
CA VAL A 216 16.57 -3.59 -6.42
C VAL A 216 15.39 -2.77 -6.89
N ARG A 217 15.64 -1.64 -7.54
CA ARG A 217 14.61 -0.94 -8.29
C ARG A 217 15.21 -0.52 -9.59
N MET A 218 14.37 -0.46 -10.62
CA MET A 218 14.74 0.18 -11.85
C MET A 218 13.75 1.29 -12.13
N MET A 219 14.21 2.46 -12.58
CA MET A 219 13.30 3.57 -12.71
C MET A 219 13.71 4.58 -13.78
N LEU A 220 12.72 5.28 -14.31
CA LEU A 220 12.93 6.20 -15.45
C LEU A 220 12.49 7.59 -15.14
N ARG A 221 13.20 8.55 -15.73
CA ARG A 221 12.81 9.93 -15.61
C ARG A 221 13.22 10.73 -16.83
N GLN B 9 -10.83 18.27 -9.21
CA GLN B 9 -11.59 19.10 -10.21
C GLN B 9 -13.09 19.00 -9.91
N GLU B 10 -13.48 17.86 -9.35
CA GLU B 10 -14.68 17.78 -8.51
C GLU B 10 -14.37 16.63 -7.56
N GLY B 11 -15.32 16.27 -6.68
CA GLY B 11 -15.07 15.18 -5.75
C GLY B 11 -14.83 15.70 -4.33
N PRO B 12 -14.43 14.78 -3.43
CA PRO B 12 -14.64 14.99 -2.00
C PRO B 12 -13.63 15.98 -1.41
N ARG B 13 -14.03 16.64 -0.34
CA ARG B 13 -13.26 17.73 0.26
CA ARG B 13 -13.19 17.69 0.20
C ARG B 13 -12.48 17.29 1.51
N ASN B 14 -12.88 16.16 2.08
CA ASN B 14 -12.25 15.62 3.29
C ASN B 14 -12.63 14.17 3.47
N CYS B 15 -12.10 13.55 4.52
CA CYS B 15 -12.23 12.10 4.72
C CYS B 15 -13.59 11.69 5.29
N ARG B 16 -14.21 12.59 6.03
CA ARG B 16 -15.52 12.31 6.59
C ARG B 16 -16.56 12.17 5.47
N GLU B 17 -16.46 13.08 4.51
CA GLU B 17 -17.22 13.09 3.27
C GLU B 17 -17.12 11.75 2.53
N LEU B 18 -15.90 11.21 2.47
CA LEU B 18 -15.62 9.96 1.78
C LEU B 18 -16.29 8.83 2.54
N LEU B 19 -16.13 8.87 3.85
CA LEU B 19 -16.73 7.88 4.75
C LEU B 19 -18.25 7.89 4.61
N SER B 20 -18.82 9.09 4.51
CA SER B 20 -20.25 9.27 4.35
C SER B 20 -20.77 8.69 3.07
N GLN B 21 -19.94 8.71 2.03
N GLN B 21 -19.92 8.71 2.04
CA GLN B 21 -20.35 8.18 0.75
CA GLN B 21 -20.29 8.17 0.74
C GLN B 21 -20.16 6.67 0.66
C GLN B 21 -19.80 6.73 0.59
N GLY B 22 -19.63 6.06 1.72
CA GLY B 22 -19.38 4.63 1.73
C GLY B 22 -17.94 4.13 1.68
N ALA B 23 -16.96 5.03 1.63
CA ALA B 23 -15.55 4.61 1.69
C ALA B 23 -15.16 4.26 3.13
N THR B 24 -15.31 3.00 3.49
CA THR B 24 -15.13 2.55 4.89
C THR B 24 -13.75 1.94 5.23
N LEU B 25 -12.93 1.74 4.20
CA LEU B 25 -11.61 1.16 4.41
C LEU B 25 -10.54 2.26 4.43
N SER B 26 -9.71 2.23 5.47
CA SER B 26 -8.64 3.23 5.61
C SER B 26 -7.65 3.03 4.49
N GLY B 27 -7.07 4.12 4.00
CA GLY B 27 -6.25 4.04 2.83
C GLY B 27 -6.13 5.37 2.13
N TRP B 28 -5.46 5.34 0.98
CA TRP B 28 -5.13 6.55 0.23
C TRP B 28 -6.25 6.89 -0.73
N TYR B 29 -6.75 8.12 -0.64
CA TYR B 29 -7.80 8.58 -1.52
C TYR B 29 -7.39 9.91 -2.10
N HIS B 30 -8.08 10.36 -3.14
CA HIS B 30 -7.84 11.70 -3.69
C HIS B 30 -8.94 12.65 -3.25
N LEU B 31 -8.57 13.71 -2.55
CA LEU B 31 -9.50 14.78 -2.25
C LEU B 31 -9.45 15.78 -3.41
N CYS B 32 -10.43 16.67 -3.47
CA CYS B 32 -10.37 17.81 -4.40
C CYS B 32 -10.33 19.15 -3.65
N LEU B 33 -9.23 19.86 -3.79
CA LEU B 33 -9.08 21.16 -3.13
C LEU B 33 -9.91 22.21 -3.84
N PRO B 34 -10.59 23.06 -3.07
CA PRO B 34 -11.50 24.11 -3.55
C PRO B 34 -10.93 24.91 -4.72
N GLU B 35 -9.68 24.67 -5.07
CA GLU B 35 -9.05 25.33 -6.21
C GLU B 35 -9.00 24.42 -7.43
N GLY B 36 -9.52 23.20 -7.28
CA GLY B 36 -9.63 22.29 -8.41
C GLY B 36 -8.44 21.38 -8.58
N ARG B 37 -7.62 21.30 -7.53
CA ARG B 37 -6.43 20.47 -7.54
C ARG B 37 -6.73 19.20 -6.74
N ALA B 38 -6.40 18.06 -7.34
CA ALA B 38 -6.59 16.76 -6.67
C ALA B 38 -5.45 16.55 -5.68
N LEU B 39 -5.75 15.97 -4.53
CA LEU B 39 -4.74 15.80 -3.49
C LEU B 39 -4.89 14.44 -2.85
N PRO B 40 -3.92 13.53 -3.09
CA PRO B 40 -3.91 12.25 -2.39
C PRO B 40 -3.73 12.46 -0.88
N VAL B 41 -4.56 11.79 -0.07
CA VAL B 41 -4.41 11.87 1.36
C VAL B 41 -4.65 10.49 1.94
N PHE B 42 -4.22 10.29 3.18
CA PHE B 42 -4.53 9.02 3.84
C PHE B 42 -5.71 9.28 4.78
N CYS B 43 -6.77 8.48 4.61
CA CYS B 43 -7.93 8.54 5.49
C CYS B 43 -7.95 7.34 6.39
N ASP B 44 -7.94 7.63 7.69
CA ASP B 44 -8.17 6.63 8.71
C ASP B 44 -9.68 6.57 8.94
N MET B 45 -10.29 5.46 8.50
CA MET B 45 -11.74 5.34 8.50
C MET B 45 -12.27 4.55 9.69
N ASP B 46 -11.41 4.24 10.65
CA ASP B 46 -11.80 3.38 11.76
C ASP B 46 -11.62 4.03 13.13
N THR B 47 -10.48 4.69 13.35
CA THR B 47 -10.14 5.24 14.67
C THR B 47 -11.19 6.20 15.21
N GLU B 48 -11.69 5.91 16.40
CA GLU B 48 -12.58 6.84 17.07
C GLU B 48 -13.76 7.21 16.20
N GLY B 49 -14.27 6.23 15.47
CA GLY B 49 -15.41 6.47 14.59
C GLY B 49 -14.99 6.58 13.15
N GLY B 50 -13.80 7.13 12.90
CA GLY B 50 -13.30 7.24 11.53
C GLY B 50 -13.48 8.59 10.89
N GLY B 51 -12.84 8.80 9.74
CA GLY B 51 -12.94 10.07 9.04
C GLY B 51 -11.77 10.99 9.24
N TRP B 52 -10.66 10.47 9.75
CA TRP B 52 -9.43 11.28 9.99
C TRP B 52 -8.49 11.44 8.78
N LEU B 53 -8.12 12.66 8.46
CA LEU B 53 -7.09 12.89 7.43
C LEU B 53 -5.72 12.82 8.16
N VAL B 54 -4.89 11.84 7.83
CA VAL B 54 -3.56 11.72 8.45
C VAL B 54 -2.61 12.54 7.59
N PHE B 55 -2.02 13.59 8.16
CA PHE B 55 -1.19 14.49 7.40
C PHE B 55 0.29 14.38 7.70
N GLN B 56 0.66 13.61 8.73
CA GLN B 56 2.06 13.35 9.01
C GLN B 56 2.15 11.95 9.60
N ARG B 57 3.20 11.24 9.24
CA ARG B 57 3.39 9.89 9.75
C ARG B 57 4.89 9.61 9.78
N ARG B 58 5.36 9.02 10.89
CA ARG B 58 6.75 8.58 11.04
C ARG B 58 6.64 7.13 11.47
N GLN B 59 7.56 6.30 10.99
N GLN B 59 7.52 6.27 10.98
CA GLN B 59 7.40 4.85 11.16
CA GLN B 59 7.39 4.85 11.30
C GLN B 59 8.70 4.09 11.21
C GLN B 59 8.69 4.04 11.16
N ASP B 60 9.67 4.54 10.43
CA ASP B 60 10.87 3.71 10.18
C ASP B 60 12.12 4.44 9.71
N GLY B 61 12.07 5.77 9.67
CA GLY B 61 13.27 6.56 9.36
C GLY B 61 13.66 6.57 7.89
N SER B 62 12.80 6.04 7.05
CA SER B 62 13.12 5.93 5.61
C SER B 62 13.09 7.24 4.83
N VAL B 63 12.48 8.27 5.40
CA VAL B 63 12.35 9.53 4.69
C VAL B 63 13.14 10.61 5.45
N ASP B 64 13.92 11.38 4.74
CA ASP B 64 14.59 12.55 5.34
C ASP B 64 13.56 13.64 5.64
N PHE B 65 13.46 14.06 6.91
CA PHE B 65 12.56 15.16 7.30
C PHE B 65 13.29 16.48 7.50
N PHE B 66 14.60 16.46 7.34
CA PHE B 66 15.35 17.73 7.42
C PHE B 66 15.31 18.43 6.08
N ARG B 67 14.21 19.12 5.81
CA ARG B 67 13.92 19.68 4.49
C ARG B 67 13.63 21.16 4.51
N SER B 68 13.64 21.74 3.32
CA SER B 68 13.61 23.19 3.10
C SER B 68 12.21 23.74 3.18
N TRP B 69 12.10 25.07 3.27
CA TRP B 69 10.82 25.75 3.31
C TRP B 69 9.90 25.26 2.15
N SER B 70 10.43 25.22 0.93
CA SER B 70 9.62 24.81 -0.20
C SER B 70 9.20 23.34 -0.14
N SER B 71 10.02 22.48 0.46
CA SER B 71 9.62 21.07 0.59
C SER B 71 8.48 20.99 1.57
N TYR B 72 8.62 21.68 2.71
CA TYR B 72 7.56 21.65 3.70
C TYR B 72 6.28 22.29 3.17
N ARG B 73 6.43 23.26 2.27
CA ARG B 73 5.28 23.95 1.73
C ARG B 73 4.47 22.99 0.84
N ALA B 74 5.19 22.24 0.02
CA ALA B 74 4.53 21.37 -0.98
C ALA B 74 4.25 19.94 -0.44
N GLY B 75 4.90 19.59 0.66
CA GLY B 75 4.85 18.21 1.14
C GLY B 75 5.91 17.33 0.51
N PHE B 76 6.22 16.22 1.18
CA PHE B 76 7.18 15.23 0.70
C PHE B 76 6.94 13.87 1.37
N GLY B 77 7.58 12.84 0.82
CA GLY B 77 7.62 11.56 1.48
C GLY B 77 6.99 10.51 0.58
N ASN B 78 6.52 9.44 1.24
CA ASN B 78 6.16 8.20 0.56
C ASN B 78 4.85 7.68 1.17
N GLN B 79 3.85 7.46 0.31
CA GLN B 79 2.54 7.00 0.71
C GLN B 79 2.65 5.62 1.37
N GLU B 80 3.69 4.89 1.00
CA GLU B 80 3.90 3.56 1.51
C GLU B 80 4.45 3.70 2.92
N SER B 81 5.11 4.82 3.20
CA SER B 81 5.68 4.96 4.56
C SER B 81 5.44 6.31 5.27
N GLU B 82 6.46 7.16 5.29
CA GLU B 82 6.45 8.39 6.08
C GLU B 82 6.24 9.58 5.17
N PHE B 83 5.54 10.60 5.68
CA PHE B 83 5.27 11.78 4.87
C PHE B 83 4.85 13.00 5.70
N TRP B 84 4.98 14.16 5.07
CA TRP B 84 4.40 15.44 5.50
C TRP B 84 3.50 15.87 4.35
N LEU B 85 2.22 16.07 4.60
CA LEU B 85 1.28 16.39 3.51
C LEU B 85 1.59 17.72 2.84
N GLY B 86 2.13 18.69 3.57
CA GLY B 86 2.42 19.96 2.92
C GLY B 86 1.71 21.09 3.62
N ASN B 87 2.47 22.15 3.95
CA ASN B 87 1.90 23.32 4.63
C ASN B 87 0.81 24.04 3.83
N GLU B 88 1.03 24.21 2.52
CA GLU B 88 0.04 24.86 1.65
C GLU B 88 -1.20 24.00 1.59
N ASN B 89 -1.04 22.70 1.38
CA ASN B 89 -2.18 21.81 1.50
C ASN B 89 -2.93 21.94 2.82
N LEU B 90 -2.21 21.85 3.93
CA LEU B 90 -2.82 22.05 5.24
C LEU B 90 -3.55 23.39 5.38
N HIS B 91 -2.95 24.47 4.90
CA HIS B 91 -3.57 25.80 4.92
C HIS B 91 -4.91 25.81 4.17
N GLN B 92 -4.93 25.26 2.96
CA GLN B 92 -6.14 25.26 2.14
C GLN B 92 -7.22 24.38 2.75
N LEU B 93 -6.85 23.20 3.24
CA LEU B 93 -7.83 22.35 3.92
C LEU B 93 -8.46 23.11 5.08
N THR B 94 -7.67 23.89 5.81
CA THR B 94 -8.16 24.46 7.06
C THR B 94 -8.68 25.89 6.98
N LEU B 95 -8.78 26.43 5.77
CA LEU B 95 -9.37 27.74 5.61
C LEU B 95 -10.79 27.80 6.23
N GLN B 96 -11.60 26.79 5.97
CA GLN B 96 -12.94 26.71 6.56
CA GLN B 96 -12.95 26.71 6.55
C GLN B 96 -13.16 25.43 7.35
N GLY B 97 -14.25 25.40 8.12
CA GLY B 97 -14.54 24.26 8.96
C GLY B 97 -13.58 24.35 10.12
N ASN B 98 -13.88 23.61 11.17
CA ASN B 98 -13.01 23.53 12.30
C ASN B 98 -12.63 22.06 12.49
N TRP B 99 -11.33 21.82 12.39
CA TRP B 99 -10.80 20.48 12.31
C TRP B 99 -10.09 20.17 13.61
N GLU B 100 -10.59 19.18 14.31
CA GLU B 100 -9.95 18.67 15.51
C GLU B 100 -8.65 17.94 15.17
N LEU B 101 -7.67 18.06 16.06
CA LEU B 101 -6.37 17.43 15.86
C LEU B 101 -6.18 16.29 16.82
N ARG B 102 -5.77 15.13 16.30
CA ARG B 102 -5.35 14.05 17.14
C ARG B 102 -3.90 13.72 16.81
N VAL B 103 -3.08 13.57 17.85
CA VAL B 103 -1.68 13.17 17.67
C VAL B 103 -1.57 11.79 18.33
N GLU B 104 -1.06 10.82 17.56
CA GLU B 104 -0.88 9.47 18.05
C GLU B 104 0.59 9.16 18.15
N LEU B 105 1.00 8.59 19.28
CA LEU B 105 2.42 8.32 19.54
C LEU B 105 2.63 6.89 19.99
N GLU B 106 3.69 6.26 19.49
CA GLU B 106 4.01 4.89 19.93
C GLU B 106 5.47 4.70 20.33
N ASP B 107 5.71 4.19 21.53
CA ASP B 107 7.09 4.10 22.01
C ASP B 107 7.77 2.82 21.55
N PHE B 108 9.03 2.61 21.93
CA PHE B 108 9.80 1.46 21.40
C PHE B 108 9.31 0.15 22.00
N ASN B 109 8.53 0.24 23.08
CA ASN B 109 7.96 -0.94 23.69
C ASN B 109 6.61 -1.21 23.06
N GLY B 110 6.10 -0.25 22.31
CA GLY B 110 4.86 -0.42 21.58
C GLY B 110 3.66 0.19 22.26
N ASN B 111 3.86 0.89 23.37
CA ASN B 111 2.77 1.58 24.07
C ASN B 111 2.32 2.82 23.33
N ARG B 112 1.02 2.94 23.11
CA ARG B 112 0.44 4.05 22.36
C ARG B 112 -0.15 5.10 23.29
N THR B 113 0.17 6.37 23.05
CA THR B 113 -0.43 7.48 23.77
C THR B 113 -0.90 8.53 22.78
N PHE B 114 -1.65 9.50 23.24
CA PHE B 114 -2.33 10.42 22.34
C PHE B 114 -2.54 11.77 22.96
N ALA B 115 -2.84 12.73 22.10
CA ALA B 115 -3.19 14.08 22.49
C ALA B 115 -4.24 14.60 21.53
N HIS B 116 -5.17 15.38 22.05
N HIS B 116 -5.23 15.30 22.07
CA HIS B 116 -6.27 15.87 21.24
CA HIS B 116 -6.29 15.88 21.27
C HIS B 116 -6.54 17.34 21.49
C HIS B 116 -6.35 17.38 21.48
N TYR B 117 -6.61 18.11 20.40
CA TYR B 117 -6.80 19.55 20.46
C TYR B 117 -8.09 19.92 19.76
N ALA B 118 -8.82 20.89 20.32
CA ALA B 118 -10.12 21.35 19.77
C ALA B 118 -10.14 21.72 18.28
N THR B 119 -9.18 22.49 17.84
CA THR B 119 -9.05 22.81 16.43
C THR B 119 -7.58 23.01 16.07
N PHE B 120 -7.31 22.90 14.79
CA PHE B 120 -5.97 23.05 14.25
C PHE B 120 -6.21 23.75 12.93
N ARG B 121 -5.47 24.83 12.67
CA ARG B 121 -5.56 25.57 11.42
C ARG B 121 -4.18 26.18 11.15
N LEU B 122 -3.74 26.19 9.89
CA LEU B 122 -2.55 26.91 9.52
C LEU B 122 -2.93 28.15 8.75
N LEU B 123 -2.39 29.29 9.17
CA LEU B 123 -2.48 30.51 8.39
C LEU B 123 -1.69 30.32 7.09
N GLY B 124 -1.75 31.30 6.18
CA GLY B 124 -1.11 31.16 4.86
C GLY B 124 0.38 31.44 4.79
N GLU B 125 0.97 31.22 3.63
CA GLU B 125 2.42 31.42 3.49
C GLU B 125 2.91 32.83 3.86
N VAL B 126 2.03 33.81 3.66
CA VAL B 126 2.36 35.21 3.95
C VAL B 126 2.52 35.37 5.46
N ASP B 127 1.80 34.54 6.20
CA ASP B 127 1.92 34.48 7.65
C ASP B 127 2.83 33.33 8.12
N HIS B 128 3.68 32.84 7.23
CA HIS B 128 4.63 31.77 7.54
C HIS B 128 3.96 30.50 8.09
N TYR B 129 2.74 30.26 7.62
CA TYR B 129 1.98 29.07 7.99
C TYR B 129 1.91 28.97 9.49
N GLN B 130 1.63 30.12 10.11
CA GLN B 130 1.49 30.19 11.55
C GLN B 130 0.47 29.19 12.03
N LEU B 131 0.77 28.53 13.15
CA LEU B 131 -0.14 27.58 13.76
C LEU B 131 -1.25 28.22 14.59
N ALA B 132 -2.49 27.88 14.27
CA ALA B 132 -3.59 28.24 15.13
C ALA B 132 -4.19 27.00 15.80
N LEU B 133 -4.08 26.94 17.12
CA LEU B 133 -4.44 25.72 17.82
C LEU B 133 -5.46 25.98 18.91
N GLY B 134 -6.48 25.13 18.95
CA GLY B 134 -7.49 25.18 19.98
C GLY B 134 -7.04 24.49 21.25
N LYS B 135 -7.86 24.56 22.27
CA LYS B 135 -7.49 23.98 23.55
C LYS B 135 -7.22 22.46 23.52
N PHE B 136 -6.19 22.07 24.25
CA PHE B 136 -5.96 20.69 24.55
C PHE B 136 -7.19 20.22 25.30
N SER B 137 -7.80 19.13 24.82
CA SER B 137 -9.00 18.61 25.44
C SER B 137 -8.71 17.43 26.36
N GLU B 138 -7.91 16.48 25.87
N GLU B 138 -7.89 16.50 25.88
CA GLU B 138 -7.45 15.37 26.70
CA GLU B 138 -7.50 15.33 26.65
C GLU B 138 -6.41 14.57 25.94
C GLU B 138 -6.36 14.62 25.95
N GLY B 139 -5.75 13.67 26.64
CA GLY B 139 -4.76 12.83 26.01
C GLY B 139 -3.73 12.32 26.98
N THR B 140 -3.41 11.04 26.86
CA THR B 140 -2.49 10.39 27.77
C THR B 140 -1.05 10.77 27.51
N ALA B 141 -0.77 11.42 26.37
CA ALA B 141 0.57 11.96 26.10
C ALA B 141 0.78 13.34 26.73
N GLY B 142 -0.28 13.94 27.24
CA GLY B 142 -0.19 15.28 27.77
C GLY B 142 -0.08 16.30 26.66
N ASP B 143 0.09 17.57 27.04
CA ASP B 143 0.04 18.65 26.08
C ASP B 143 1.43 19.20 25.80
N SER B 144 1.94 18.97 24.59
CA SER B 144 3.23 19.53 24.17
C SER B 144 3.16 20.38 22.92
N LEU B 145 1.95 20.81 22.54
CA LEU B 145 1.76 21.64 21.35
C LEU B 145 1.27 23.04 21.63
N SER B 146 0.62 23.26 22.78
CA SER B 146 0.03 24.56 23.07
C SER B 146 1.08 25.67 23.00
N LEU B 147 2.27 25.38 23.49
CA LEU B 147 3.36 26.35 23.47
C LEU B 147 3.58 26.86 22.07
N HIS B 148 3.36 25.98 21.07
CA HIS B 148 3.62 26.31 19.68
C HIS B 148 2.49 27.03 18.98
N SER B 149 1.33 27.09 19.60
CA SER B 149 0.21 27.82 19.02
C SER B 149 0.62 29.27 18.84
N GLY B 150 0.27 29.84 17.70
CA GLY B 150 0.53 31.25 17.44
C GLY B 150 1.90 31.52 16.86
N ARG B 151 2.66 30.45 16.67
CA ARG B 151 4.00 30.60 16.14
C ARG B 151 4.10 30.22 14.67
N PRO B 152 4.98 30.90 13.95
CA PRO B 152 5.23 30.62 12.54
C PRO B 152 5.99 29.28 12.38
N PHE B 153 5.97 28.71 11.17
CA PHE B 153 6.79 27.55 10.83
C PHE B 153 8.22 27.98 10.53
N THR B 154 9.18 27.14 10.92
CA THR B 154 10.58 27.41 10.69
C THR B 154 11.28 26.18 10.09
N THR B 155 12.07 26.39 9.03
CA THR B 155 12.89 25.33 8.45
C THR B 155 14.34 25.79 8.42
N TYR B 156 15.25 24.93 7.97
CA TYR B 156 16.65 25.33 8.02
C TYR B 156 16.95 26.56 7.20
N ASP B 157 16.12 26.84 6.21
CA ASP B 157 16.39 27.98 5.33
C ASP B 157 15.36 29.09 5.48
N ALA B 158 14.60 29.07 6.56
CA ALA B 158 13.64 30.13 6.82
C ALA B 158 13.39 30.20 8.30
N ASP B 159 14.24 30.97 8.98
CA ASP B 159 14.21 31.13 10.44
C ASP B 159 13.18 32.16 10.85
N HIS B 160 12.11 31.70 11.50
CA HIS B 160 11.09 32.63 11.93
C HIS B 160 10.85 32.49 13.44
N ASP B 161 11.74 31.76 14.11
CA ASP B 161 11.49 31.35 15.49
C ASP B 161 11.91 32.45 16.47
N SER B 162 11.93 32.11 17.76
CA SER B 162 12.20 33.12 18.80
C SER B 162 13.59 32.93 19.43
N SER B 163 14.43 32.14 18.77
CA SER B 163 15.79 31.93 19.22
C SER B 163 16.70 32.86 18.44
N ASN B 164 17.84 33.24 19.03
CA ASN B 164 18.91 33.90 18.28
C ASN B 164 19.45 32.99 17.18
N SER B 165 19.35 31.69 17.37
CA SER B 165 19.81 30.80 16.32
C SER B 165 18.60 30.24 15.56
N ASN B 166 18.88 29.34 14.61
CA ASN B 166 17.80 28.67 13.88
C ASN B 166 17.51 27.32 14.51
N CYS B 167 16.40 27.24 15.25
CA CYS B 167 15.97 26.01 15.89
C CYS B 167 15.92 24.83 14.95
N ALA B 168 15.39 25.00 13.73
CA ALA B 168 15.37 23.88 12.77
C ALA B 168 16.76 23.25 12.59
N VAL B 169 17.76 24.11 12.56
CA VAL B 169 19.13 23.62 12.43
C VAL B 169 19.59 23.00 13.73
N ILE B 170 19.34 23.68 14.85
CA ILE B 170 19.80 23.14 16.13
C ILE B 170 19.22 21.76 16.42
N VAL B 171 17.94 21.60 16.17
CA VAL B 171 17.27 20.36 16.58
C VAL B 171 17.02 19.40 15.40
N HIS B 172 17.46 19.79 14.22
CA HIS B 172 17.41 18.95 13.00
C HIS B 172 15.97 18.54 12.66
N GLY B 173 15.13 19.54 12.38
CA GLY B 173 13.72 19.32 12.12
C GLY B 173 13.09 20.54 11.45
N ALA B 174 11.76 20.60 11.46
CA ALA B 174 10.99 21.74 10.96
C ALA B 174 9.71 21.80 11.79
N TRP B 175 9.32 22.96 12.28
CA TRP B 175 8.19 23.01 13.22
C TRP B 175 7.87 24.46 13.51
N TRP B 176 6.84 24.70 14.31
CA TRP B 176 6.49 26.06 14.73
C TRP B 176 7.35 26.43 15.94
N TYR B 177 8.66 26.54 15.72
CA TYR B 177 9.62 26.58 16.82
C TYR B 177 9.55 27.88 17.62
N ALA B 178 9.72 27.75 18.93
CA ALA B 178 9.88 28.87 19.86
C ALA B 178 11.36 29.05 20.15
N SER B 179 11.87 28.42 21.20
CA SER B 179 13.33 28.44 21.46
C SER B 179 13.73 27.29 22.40
N CYS B 180 13.51 26.03 21.99
CA CYS B 180 13.00 25.68 20.65
C CYS B 180 11.67 24.96 20.63
N TYR B 181 11.44 23.99 21.51
CA TYR B 181 10.25 23.19 21.35
C TYR B 181 9.84 22.41 22.59
N ARG B 182 8.55 22.12 22.66
CA ARG B 182 8.00 21.10 23.55
C ARG B 182 7.64 19.85 22.72
N SER B 183 7.50 20.00 21.42
CA SER B 183 7.30 18.85 20.51
C SER B 183 8.05 19.02 19.22
N ASN B 184 8.46 17.92 18.63
CA ASN B 184 9.38 18.00 17.52
C ASN B 184 9.17 16.78 16.61
N LEU B 185 7.96 16.59 16.13
CA LEU B 185 7.59 15.31 15.50
C LEU B 185 8.15 15.12 14.10
N ASN B 186 8.69 16.18 13.54
CA ASN B 186 9.30 16.13 12.22
C ASN B 186 10.82 16.08 12.43
N GLY B 187 11.22 15.67 13.63
CA GLY B 187 12.64 15.53 13.98
C GLY B 187 13.33 14.31 13.39
N ARG B 188 14.59 14.12 13.78
CA ARG B 188 15.41 13.06 13.21
C ARG B 188 15.05 11.68 13.80
N TYR B 189 14.81 10.72 12.92
CA TYR B 189 14.42 9.38 13.33
C TYR B 189 15.52 8.63 14.08
N ALA B 190 15.10 7.85 15.06
CA ALA B 190 15.95 6.95 15.81
C ALA B 190 15.23 5.61 16.00
N VAL B 191 15.93 4.52 15.74
CA VAL B 191 15.33 3.19 15.80
C VAL B 191 15.24 2.58 17.20
N SER B 192 15.99 3.15 18.15
CA SER B 192 15.94 2.68 19.55
C SER B 192 16.31 3.83 20.48
N GLU B 193 16.28 3.79 21.73
CA GLU B 193 16.81 4.79 22.65
C GLU B 193 18.31 4.65 22.82
N ALA B 194 18.81 3.56 22.31
CA ALA B 194 20.26 3.56 22.11
C ALA B 194 20.67 4.43 20.92
N ALA B 195 19.78 4.61 19.96
CA ALA B 195 20.08 5.36 18.75
C ALA B 195 19.67 6.81 18.91
N ALA B 196 19.05 7.12 20.04
CA ALA B 196 18.43 8.42 20.25
C ALA B 196 19.36 9.62 20.10
N HIS B 197 18.83 10.63 19.42
CA HIS B 197 19.47 11.90 19.26
C HIS B 197 19.11 12.81 20.43
N LYS B 198 19.96 13.78 20.74
CA LYS B 198 19.66 14.74 21.83
C LYS B 198 18.33 15.42 21.55
N TYR B 199 18.07 15.73 20.29
CA TYR B 199 16.77 16.21 19.89
C TYR B 199 16.24 15.26 18.84
N GLY B 200 15.10 14.65 19.13
CA GLY B 200 14.52 13.63 18.23
C GLY B 200 13.03 13.81 18.07
N ILE B 201 12.34 12.74 17.65
CA ILE B 201 10.87 12.74 17.55
C ILE B 201 10.32 12.74 18.97
N ASP B 202 10.23 13.93 19.53
CA ASP B 202 9.97 14.12 20.95
C ASP B 202 8.63 14.79 21.25
N TRP B 203 8.01 14.35 22.35
CA TRP B 203 6.80 14.97 22.93
C TRP B 203 7.09 15.26 24.43
N ALA B 204 7.40 16.51 24.80
CA ALA B 204 7.95 16.80 26.14
C ALA B 204 7.08 16.29 27.29
N SER B 205 5.78 16.49 27.20
CA SER B 205 4.86 16.08 28.25
C SER B 205 4.68 14.57 28.33
N GLY B 206 5.29 13.84 27.39
CA GLY B 206 5.16 12.40 27.31
C GLY B 206 6.42 11.68 27.73
N ARG B 207 7.30 11.33 26.79
CA ARG B 207 8.55 10.70 27.21
C ARG B 207 9.67 11.69 27.48
N GLY B 208 9.49 12.94 27.06
CA GLY B 208 10.46 14.01 27.34
C GLY B 208 11.39 14.29 26.17
N VAL B 209 12.00 15.46 26.17
CA VAL B 209 13.01 15.79 25.18
C VAL B 209 14.11 14.76 25.24
N GLY B 210 14.52 14.29 24.08
CA GLY B 210 15.66 13.38 23.98
C GLY B 210 15.32 11.92 24.20
N HIS B 211 14.02 11.61 24.32
CA HIS B 211 13.53 10.25 24.52
C HIS B 211 12.45 10.01 23.48
N PRO B 212 12.86 9.49 22.32
CA PRO B 212 11.98 9.56 21.16
C PRO B 212 10.92 8.48 21.06
N TYR B 213 10.13 8.60 20.02
CA TYR B 213 9.07 7.64 19.74
C TYR B 213 9.38 6.83 18.48
N ARG B 214 8.81 5.65 18.37
CA ARG B 214 9.09 4.81 17.18
C ARG B 214 8.14 5.13 16.02
N ARG B 215 6.89 5.41 16.36
CA ARG B 215 5.83 5.75 15.40
CA ARG B 215 5.88 5.80 15.38
C ARG B 215 5.06 6.97 15.86
N VAL B 216 4.72 7.86 14.93
CA VAL B 216 3.84 9.01 15.20
C VAL B 216 2.87 9.19 14.02
N ARG B 217 1.69 9.73 14.28
CA ARG B 217 0.76 10.19 13.24
C ARG B 217 0.12 11.49 13.74
N MET B 218 -0.13 12.42 12.83
CA MET B 218 -0.90 13.60 13.17
C MET B 218 -2.07 13.55 12.21
N MET B 219 -3.27 13.74 12.74
N MET B 219 -3.27 13.73 12.73
CA MET B 219 -4.50 13.53 11.98
CA MET B 219 -4.48 13.56 11.93
C MET B 219 -5.57 14.58 12.28
C MET B 219 -5.59 14.54 12.29
N LEU B 220 -6.42 14.86 11.30
CA LEU B 220 -7.41 15.90 11.44
C LEU B 220 -8.79 15.36 11.08
N ARG B 221 -9.81 15.93 11.68
CA ARG B 221 -11.18 15.56 11.34
C ARG B 221 -12.09 16.76 11.57
N GLY C 11 -16.89 3.51 -15.43
CA GLY C 11 -15.90 2.55 -14.83
C GLY C 11 -16.16 1.08 -15.11
N PRO C 12 -15.22 0.22 -14.69
CA PRO C 12 -15.28 -1.24 -14.84
C PRO C 12 -16.14 -1.87 -13.76
N ARG C 13 -16.62 -3.08 -14.00
CA ARG C 13 -17.61 -3.74 -13.14
C ARG C 13 -17.08 -4.94 -12.36
N ASN C 14 -15.89 -5.40 -12.73
N ASN C 14 -15.91 -5.44 -12.75
CA ASN C 14 -15.22 -6.44 -11.96
CA ASN C 14 -15.26 -6.57 -12.05
C ASN C 14 -13.71 -6.40 -12.16
C ASN C 14 -13.75 -6.55 -12.28
N CYS C 15 -13.00 -7.25 -11.44
CA CYS C 15 -11.54 -7.28 -11.54
C CYS C 15 -11.07 -7.95 -12.84
N ARG C 16 -11.87 -8.88 -13.36
CA ARG C 16 -11.57 -9.47 -14.67
C ARG C 16 -11.48 -8.40 -15.75
N GLU C 17 -12.40 -7.44 -15.70
N GLU C 17 -12.42 -7.44 -15.72
CA GLU C 17 -12.48 -6.41 -16.72
CA GLU C 17 -12.50 -6.38 -16.71
C GLU C 17 -11.33 -5.42 -16.62
C GLU C 17 -11.29 -5.48 -16.62
N LEU C 18 -10.87 -5.19 -15.39
CA LEU C 18 -9.67 -4.42 -15.16
C LEU C 18 -8.46 -5.15 -15.74
N LEU C 19 -8.34 -6.44 -15.44
CA LEU C 19 -7.26 -7.26 -15.96
C LEU C 19 -7.19 -7.18 -17.48
N SER C 20 -8.34 -7.40 -18.11
CA SER C 20 -8.43 -7.39 -19.56
C SER C 20 -8.04 -6.02 -20.12
N GLN C 21 -8.13 -4.98 -19.30
CA GLN C 21 -7.80 -3.65 -19.78
C GLN C 21 -6.34 -3.31 -19.52
N GLY C 22 -5.58 -4.27 -19.00
CA GLY C 22 -4.15 -4.06 -18.76
C GLY C 22 -3.76 -3.75 -17.32
N ALA C 23 -4.71 -3.78 -16.40
CA ALA C 23 -4.39 -3.70 -14.96
C ALA C 23 -3.82 -5.03 -14.44
N THR C 24 -2.52 -5.25 -14.59
CA THR C 24 -1.95 -6.56 -14.32
C THR C 24 -1.35 -6.72 -12.93
N LEU C 25 -1.29 -5.62 -12.16
CA LEU C 25 -0.68 -5.62 -10.83
C LEU C 25 -1.77 -5.62 -9.78
N SER C 26 -1.68 -6.55 -8.85
CA SER C 26 -2.64 -6.73 -7.77
C SER C 26 -2.59 -5.51 -6.88
N GLY C 27 -3.75 -5.11 -6.40
CA GLY C 27 -3.85 -3.91 -5.59
C GLY C 27 -5.26 -3.34 -5.64
N TRP C 28 -5.38 -2.09 -5.22
CA TRP C 28 -6.66 -1.50 -4.98
C TRP C 28 -7.11 -0.73 -6.22
N TYR C 29 -8.28 -1.09 -6.72
CA TYR C 29 -8.87 -0.43 -7.87
C TYR C 29 -10.25 0.05 -7.50
N HIS C 30 -10.87 0.83 -8.39
CA HIS C 30 -12.26 1.22 -8.22
C HIS C 30 -13.17 0.45 -9.18
N LEU C 31 -14.18 -0.22 -8.64
CA LEU C 31 -15.26 -0.69 -9.50
C LEU C 31 -16.34 0.38 -9.45
N CYS C 32 -17.11 0.50 -10.52
CA CYS C 32 -18.29 1.34 -10.49
C CYS C 32 -19.49 0.42 -10.47
N LEU C 33 -20.24 0.48 -9.37
CA LEU C 33 -21.42 -0.33 -9.20
C LEU C 33 -22.53 0.16 -10.13
N PRO C 34 -23.58 -0.67 -10.31
CA PRO C 34 -24.74 -0.29 -11.12
C PRO C 34 -25.30 1.06 -10.69
N GLU C 35 -25.43 1.28 -9.39
CA GLU C 35 -25.93 2.55 -8.86
C GLU C 35 -25.10 3.75 -9.34
N GLY C 36 -23.88 3.50 -9.80
CA GLY C 36 -22.98 4.56 -10.25
C GLY C 36 -21.92 4.88 -9.22
N ARG C 37 -22.08 4.35 -8.02
CA ARG C 37 -21.17 4.58 -6.90
C ARG C 37 -19.83 3.85 -7.14
N ALA C 38 -18.73 4.58 -7.07
CA ALA C 38 -17.41 3.96 -7.22
C ALA C 38 -17.00 3.25 -5.93
N LEU C 39 -16.51 2.03 -6.06
CA LEU C 39 -16.14 1.22 -4.90
C LEU C 39 -14.67 0.77 -4.94
N PRO C 40 -13.85 1.22 -3.97
CA PRO C 40 -12.50 0.66 -3.87
C PRO C 40 -12.52 -0.83 -3.57
N VAL C 41 -11.81 -1.61 -4.38
CA VAL C 41 -11.65 -3.04 -4.11
C VAL C 41 -10.21 -3.55 -4.31
N PHE C 42 -9.90 -4.68 -3.68
CA PHE C 42 -8.62 -5.31 -3.91
C PHE C 42 -8.79 -6.38 -4.96
N CYS C 43 -8.08 -6.22 -6.07
CA CYS C 43 -8.10 -7.19 -7.16
C CYS C 43 -6.80 -7.96 -7.11
N ASP C 44 -6.90 -9.27 -7.11
CA ASP C 44 -5.72 -10.08 -7.20
C ASP C 44 -5.63 -10.52 -8.65
N MET C 45 -4.53 -10.14 -9.30
CA MET C 45 -4.42 -10.27 -10.75
C MET C 45 -3.52 -11.43 -11.13
N ASP C 46 -3.17 -12.24 -10.15
CA ASP C 46 -2.28 -13.36 -10.39
C ASP C 46 -2.96 -14.70 -10.19
N THR C 47 -3.63 -14.86 -9.04
CA THR C 47 -4.14 -16.14 -8.61
C THR C 47 -4.96 -16.82 -9.68
N GLU C 48 -4.60 -18.07 -9.97
CA GLU C 48 -5.33 -18.88 -10.93
C GLU C 48 -5.72 -18.11 -12.17
N GLY C 49 -4.79 -17.30 -12.67
CA GLY C 49 -4.99 -16.54 -13.90
C GLY C 49 -5.55 -15.17 -13.64
N GLY C 50 -5.56 -14.78 -12.38
CA GLY C 50 -5.99 -13.43 -11.98
C GLY C 50 -7.44 -13.05 -12.21
N GLY C 51 -7.86 -11.98 -11.53
CA GLY C 51 -9.17 -11.37 -11.78
C GLY C 51 -10.12 -11.56 -10.64
N TRP C 52 -9.57 -11.75 -9.43
CA TRP C 52 -10.34 -12.03 -8.22
C TRP C 52 -10.54 -10.77 -7.40
N LEU C 53 -11.79 -10.51 -7.05
CA LEU C 53 -12.17 -9.45 -6.14
C LEU C 53 -12.08 -10.01 -4.71
N VAL C 54 -11.12 -9.53 -3.93
CA VAL C 54 -10.97 -10.01 -2.56
C VAL C 54 -11.84 -9.17 -1.62
N PHE C 55 -12.86 -9.81 -1.03
CA PHE C 55 -13.79 -9.05 -0.18
C PHE C 55 -13.57 -9.26 1.32
N GLN C 56 -12.62 -10.12 1.68
CA GLN C 56 -12.29 -10.29 3.09
C GLN C 56 -10.86 -10.75 3.20
N ARG C 57 -10.15 -10.27 4.22
CA ARG C 57 -8.77 -10.68 4.44
C ARG C 57 -8.44 -10.59 5.92
N ARG C 58 -7.87 -11.67 6.45
CA ARG C 58 -7.32 -11.67 7.82
C ARG C 58 -5.81 -12.00 7.72
N GLN C 59 -4.98 -11.37 8.55
CA GLN C 59 -3.53 -11.62 8.50
C GLN C 59 -2.72 -11.21 9.72
N ASP C 60 -3.29 -10.33 10.54
N ASP C 60 -3.26 -10.36 10.59
CA ASP C 60 -2.57 -9.67 11.63
CA ASP C 60 -2.49 -9.95 11.76
C ASP C 60 -3.32 -9.79 12.95
C ASP C 60 -3.30 -9.64 13.03
N GLY C 61 -4.61 -9.47 12.89
CA GLY C 61 -5.44 -9.27 14.06
C GLY C 61 -5.46 -7.81 14.43
N SER C 62 -4.88 -6.98 13.56
CA SER C 62 -4.84 -5.55 13.79
C SER C 62 -6.22 -4.88 13.70
N VAL C 63 -7.20 -5.58 13.14
CA VAL C 63 -8.53 -5.02 12.97
C VAL C 63 -9.58 -5.83 13.73
N ASP C 64 -10.42 -5.13 14.49
CA ASP C 64 -11.51 -5.79 15.18
C ASP C 64 -12.62 -6.19 14.20
N PHE C 65 -12.98 -7.47 14.24
CA PHE C 65 -14.08 -8.01 13.45
C PHE C 65 -15.36 -8.27 14.26
N PHE C 66 -15.34 -7.96 15.55
CA PHE C 66 -16.55 -8.13 16.34
C PHE C 66 -17.38 -6.86 16.17
N ARG C 67 -18.27 -6.85 15.17
CA ARG C 67 -18.88 -5.60 14.72
C ARG C 67 -20.36 -5.69 14.41
N SER C 68 -21.03 -4.56 14.57
CA SER C 68 -22.47 -4.41 14.36
C SER C 68 -22.99 -4.69 12.94
N TRP C 69 -24.28 -4.93 12.86
CA TRP C 69 -24.97 -5.07 11.59
C TRP C 69 -24.61 -3.94 10.64
N SER C 70 -24.83 -2.70 11.06
CA SER C 70 -24.56 -1.60 10.13
C SER C 70 -23.08 -1.55 9.70
N SER C 71 -22.19 -1.94 10.59
CA SER C 71 -20.76 -2.01 10.28
C SER C 71 -20.45 -3.07 9.23
N TYR C 72 -21.00 -4.27 9.43
CA TYR C 72 -20.82 -5.34 8.48
C TYR C 72 -21.49 -4.96 7.17
N ARG C 73 -22.52 -4.12 7.27
CA ARG C 73 -23.23 -3.70 6.09
C ARG C 73 -22.36 -2.80 5.19
N ALA C 74 -21.72 -1.81 5.81
CA ALA C 74 -20.96 -0.82 5.07
C ALA C 74 -19.51 -1.25 4.84
N GLY C 75 -19.04 -2.25 5.59
CA GLY C 75 -17.67 -2.71 5.52
C GLY C 75 -16.72 -1.98 6.47
N PHE C 76 -15.55 -2.57 6.72
CA PHE C 76 -14.62 -2.00 7.70
C PHE C 76 -13.20 -2.54 7.56
N GLY C 77 -12.25 -1.81 8.12
CA GLY C 77 -10.87 -2.25 8.17
C GLY C 77 -9.88 -1.34 7.45
N ASN C 78 -8.79 -1.94 6.96
CA ASN C 78 -7.68 -1.18 6.42
CA ASN C 78 -7.67 -1.19 6.43
C ASN C 78 -7.23 -1.78 5.11
N GLN C 79 -7.11 -0.95 4.07
CA GLN C 79 -6.65 -1.41 2.77
C GLN C 79 -5.30 -2.10 2.84
N GLU C 80 -4.47 -1.66 3.77
N GLU C 80 -4.46 -1.67 3.77
CA GLU C 80 -3.13 -2.22 3.98
CA GLU C 80 -3.14 -2.24 3.92
C GLU C 80 -3.16 -3.68 4.47
N SER C 81 -4.23 -4.08 5.14
CA SER C 81 -4.19 -5.38 5.80
C SER C 81 -5.46 -6.20 5.89
N GLU C 82 -6.30 -5.88 6.92
CA GLU C 82 -7.45 -6.74 7.18
C GLU C 82 -8.70 -5.95 6.93
N PHE C 83 -9.74 -6.60 6.41
CA PHE C 83 -10.95 -5.85 6.08
C PHE C 83 -12.14 -6.76 5.79
N TRP C 84 -13.32 -6.17 5.76
CA TRP C 84 -14.52 -6.80 5.24
C TRP C 84 -15.13 -5.77 4.31
N LEU C 85 -15.37 -6.19 3.07
CA LEU C 85 -15.74 -5.24 2.03
C LEU C 85 -17.11 -4.60 2.30
N GLY C 86 -18.03 -5.34 2.88
CA GLY C 86 -19.34 -4.77 3.22
C GLY C 86 -20.48 -5.56 2.61
N ASN C 87 -21.44 -5.97 3.42
CA ASN C 87 -22.56 -6.75 2.90
C ASN C 87 -23.35 -6.05 1.83
N GLU C 88 -23.58 -4.75 1.98
CA GLU C 88 -24.32 -4.09 0.93
C GLU C 88 -23.55 -4.06 -0.39
N ASN C 89 -22.24 -3.80 -0.32
CA ASN C 89 -21.38 -3.82 -1.50
C ASN C 89 -21.46 -5.19 -2.20
N LEU C 90 -21.30 -6.24 -1.42
CA LEU C 90 -21.40 -7.60 -1.95
C LEU C 90 -22.79 -7.91 -2.57
N HIS C 91 -23.87 -7.46 -1.94
CA HIS C 91 -25.21 -7.58 -2.55
C HIS C 91 -25.34 -6.81 -3.87
N GLN C 92 -24.94 -5.54 -3.87
CA GLN C 92 -24.85 -4.76 -5.11
C GLN C 92 -24.02 -5.43 -6.21
N LEU C 93 -22.82 -5.90 -5.86
CA LEU C 93 -21.97 -6.63 -6.80
C LEU C 93 -22.64 -7.89 -7.37
N THR C 94 -23.30 -8.65 -6.49
CA THR C 94 -23.78 -9.97 -6.89
C THR C 94 -25.22 -9.99 -7.39
N LEU C 95 -25.83 -8.80 -7.54
CA LEU C 95 -27.13 -8.67 -8.19
C LEU C 95 -27.07 -9.15 -9.64
N GLN C 96 -25.88 -9.07 -10.21
CA GLN C 96 -25.68 -9.34 -11.63
C GLN C 96 -24.53 -10.30 -11.80
N GLY C 97 -24.63 -11.17 -12.80
CA GLY C 97 -23.56 -12.08 -13.15
C GLY C 97 -23.37 -13.26 -12.23
N ASN C 98 -22.40 -14.09 -12.59
CA ASN C 98 -22.06 -15.25 -11.79
CA ASN C 98 -22.04 -15.28 -11.81
C ASN C 98 -20.68 -15.09 -11.18
N TRP C 99 -20.64 -15.12 -9.86
CA TRP C 99 -19.38 -14.97 -9.14
C TRP C 99 -19.04 -16.25 -8.41
N GLU C 100 -17.96 -16.91 -8.80
CA GLU C 100 -17.46 -18.04 -8.05
C GLU C 100 -16.74 -17.51 -6.82
N LEU C 101 -16.85 -18.24 -5.70
CA LEU C 101 -16.09 -17.93 -4.48
C LEU C 101 -14.87 -18.84 -4.35
N ARG C 102 -13.74 -18.23 -3.99
CA ARG C 102 -12.54 -18.97 -3.65
C ARG C 102 -12.10 -18.55 -2.27
N VAL C 103 -11.96 -19.53 -1.39
CA VAL C 103 -11.47 -19.27 -0.06
C VAL C 103 -10.08 -19.86 0.10
N GLU C 104 -9.13 -19.01 0.49
CA GLU C 104 -7.77 -19.44 0.81
C GLU C 104 -7.49 -19.35 2.30
N LEU C 105 -7.00 -20.44 2.87
CA LEU C 105 -6.70 -20.52 4.31
C LEU C 105 -5.23 -20.86 4.49
N GLU C 106 -4.59 -20.26 5.49
N GLU C 106 -4.60 -20.28 5.50
CA GLU C 106 -3.19 -20.56 5.78
CA GLU C 106 -3.19 -20.53 5.78
C GLU C 106 -2.99 -20.88 7.25
C GLU C 106 -2.97 -20.86 7.26
N ASP C 107 -2.31 -21.99 7.52
CA ASP C 107 -2.00 -22.38 8.90
C ASP C 107 -0.74 -21.66 9.39
N PHE C 108 -0.36 -21.90 10.63
CA PHE C 108 0.76 -21.18 11.23
C PHE C 108 2.15 -21.60 10.73
N ASN C 109 2.19 -22.53 9.76
CA ASN C 109 3.45 -23.02 9.21
C ASN C 109 3.69 -22.58 7.77
N GLY C 110 2.69 -21.95 7.17
CA GLY C 110 2.78 -21.53 5.77
C GLY C 110 2.02 -22.47 4.85
N ASN C 111 1.46 -23.53 5.41
CA ASN C 111 0.62 -24.44 4.65
C ASN C 111 -0.65 -23.71 4.23
N ARG C 112 -0.89 -23.61 2.93
N ARG C 112 -0.90 -23.64 2.93
CA ARG C 112 -2.09 -22.97 2.41
CA ARG C 112 -2.07 -22.99 2.38
C ARG C 112 -3.08 -23.99 1.84
C ARG C 112 -3.07 -24.02 1.86
N THR C 113 -4.34 -23.86 2.21
CA THR C 113 -5.41 -24.69 1.65
C THR C 113 -6.50 -23.80 1.02
N PHE C 114 -7.42 -24.38 0.23
CA PHE C 114 -8.45 -23.59 -0.45
CA PHE C 114 -8.44 -23.59 -0.48
C PHE C 114 -9.78 -24.33 -0.57
N ALA C 115 -10.81 -23.60 -0.95
CA ALA C 115 -12.14 -24.16 -1.21
C ALA C 115 -12.83 -23.33 -2.28
N HIS C 116 -13.59 -23.99 -3.14
CA HIS C 116 -14.18 -23.33 -4.29
CA HIS C 116 -14.18 -23.34 -4.31
C HIS C 116 -15.66 -23.65 -4.38
N TYR C 117 -16.45 -22.62 -4.64
CA TYR C 117 -17.89 -22.77 -4.87
C TYR C 117 -18.26 -22.13 -6.19
N ALA C 118 -19.18 -22.78 -6.90
CA ALA C 118 -19.56 -22.40 -8.27
C ALA C 118 -20.13 -21.01 -8.41
N THR C 119 -20.92 -20.58 -7.41
CA THR C 119 -21.53 -19.26 -7.39
C THR C 119 -21.64 -18.72 -5.97
N PHE C 120 -21.77 -17.40 -5.84
CA PHE C 120 -21.90 -16.72 -4.56
C PHE C 120 -22.74 -15.44 -4.74
N ARG C 121 -23.75 -15.25 -3.91
CA ARG C 121 -24.63 -14.09 -4.03
C ARG C 121 -25.22 -13.76 -2.66
N LEU C 122 -25.35 -12.46 -2.36
CA LEU C 122 -25.99 -12.05 -1.14
C LEU C 122 -27.29 -11.36 -1.47
N LEU C 123 -28.36 -11.75 -0.80
CA LEU C 123 -29.62 -11.05 -0.95
C LEU C 123 -29.56 -9.75 -0.16
N GLY C 124 -30.67 -9.01 -0.20
CA GLY C 124 -30.70 -7.66 0.34
C GLY C 124 -30.81 -7.55 1.85
N GLU C 125 -30.73 -6.32 2.35
CA GLU C 125 -30.85 -6.12 3.78
C GLU C 125 -32.14 -6.73 4.32
N VAL C 126 -33.24 -6.59 3.58
CA VAL C 126 -34.55 -7.04 4.09
C VAL C 126 -34.54 -8.55 4.32
N ASP C 127 -33.69 -9.24 3.54
CA ASP C 127 -33.51 -10.68 3.63
C ASP C 127 -32.27 -11.00 4.46
N HIS C 128 -31.84 -9.98 5.20
CA HIS C 128 -30.69 -10.05 6.09
C HIS C 128 -29.43 -10.56 5.41
N TYR C 129 -29.23 -10.19 4.14
CA TYR C 129 -27.98 -10.50 3.45
C TYR C 129 -27.72 -12.00 3.53
N GLN C 130 -28.82 -12.75 3.49
CA GLN C 130 -28.81 -14.21 3.41
C GLN C 130 -27.81 -14.71 2.35
N LEU C 131 -27.04 -15.75 2.70
CA LEU C 131 -26.07 -16.35 1.79
C LEU C 131 -26.73 -17.29 0.76
N ALA C 132 -26.46 -17.04 -0.51
CA ALA C 132 -26.93 -17.90 -1.60
C ALA C 132 -25.70 -18.51 -2.26
N LEU C 133 -25.40 -19.77 -1.90
CA LEU C 133 -24.16 -20.39 -2.30
C LEU C 133 -24.39 -21.53 -3.31
N GLY C 134 -23.71 -21.48 -4.45
CA GLY C 134 -23.70 -22.59 -5.41
C GLY C 134 -22.88 -23.75 -4.88
N LYS C 135 -22.71 -24.81 -5.68
CA LYS C 135 -22.09 -26.05 -5.19
C LYS C 135 -20.56 -26.04 -4.99
N PHE C 136 -20.10 -26.72 -3.95
CA PHE C 136 -18.68 -26.96 -3.72
C PHE C 136 -18.10 -27.79 -4.86
N SER C 137 -17.20 -27.20 -5.64
CA SER C 137 -16.63 -27.90 -6.80
C SER C 137 -15.42 -28.71 -6.38
N GLU C 138 -14.41 -28.04 -5.83
CA GLU C 138 -13.26 -28.73 -5.26
C GLU C 138 -12.60 -27.89 -4.18
N GLY C 139 -11.65 -28.48 -3.45
CA GLY C 139 -10.93 -27.72 -2.44
C GLY C 139 -10.21 -28.56 -1.40
N THR C 140 -8.90 -28.35 -1.32
CA THR C 140 -8.07 -29.08 -0.39
C THR C 140 -8.48 -28.81 1.06
N ALA C 141 -9.19 -27.71 1.29
CA ALA C 141 -9.67 -27.40 2.64
C ALA C 141 -10.96 -28.13 2.93
N GLY C 142 -11.65 -28.57 1.88
CA GLY C 142 -12.95 -29.21 1.98
C GLY C 142 -14.09 -28.20 2.12
N ASP C 143 -15.31 -28.71 2.13
CA ASP C 143 -16.50 -27.88 2.24
C ASP C 143 -16.84 -27.61 3.71
N SER C 144 -16.97 -26.33 4.06
CA SER C 144 -17.37 -25.93 5.41
C SER C 144 -18.27 -24.71 5.36
N LEU C 145 -18.79 -24.41 4.18
CA LEU C 145 -19.64 -23.25 4.00
C LEU C 145 -21.03 -23.64 3.49
N SER C 146 -21.15 -24.83 2.91
N SER C 146 -21.14 -24.83 2.92
CA SER C 146 -22.43 -25.31 2.38
CA SER C 146 -22.42 -25.31 2.38
C SER C 146 -23.52 -25.34 3.43
C SER C 146 -23.51 -25.32 3.44
N LEU C 147 -23.13 -25.57 4.69
CA LEU C 147 -24.06 -25.58 5.80
C LEU C 147 -24.70 -24.21 5.98
N HIS C 148 -23.95 -23.16 5.64
CA HIS C 148 -24.41 -21.79 5.87
C HIS C 148 -25.20 -21.19 4.72
N SER C 149 -25.23 -21.88 3.58
CA SER C 149 -26.01 -21.41 2.45
C SER C 149 -27.50 -21.30 2.79
N GLY C 150 -28.15 -20.26 2.26
CA GLY C 150 -29.57 -20.01 2.48
C GLY C 150 -29.90 -19.42 3.82
N ARG C 151 -28.88 -19.14 4.62
CA ARG C 151 -29.07 -18.59 5.97
C ARG C 151 -28.77 -17.08 6.06
N PRO C 152 -29.47 -16.38 6.98
CA PRO C 152 -29.20 -14.95 7.18
C PRO C 152 -27.91 -14.65 7.92
N PHE C 153 -27.35 -13.46 7.67
CA PHE C 153 -26.19 -13.02 8.37
C PHE C 153 -26.68 -12.63 9.76
N THR C 154 -25.87 -12.84 10.78
CA THR C 154 -26.19 -12.32 12.12
C THR C 154 -24.96 -11.68 12.73
N THR C 155 -25.20 -10.66 13.54
CA THR C 155 -24.16 -9.97 14.27
C THR C 155 -24.61 -9.91 15.72
N TYR C 156 -23.73 -9.54 16.64
CA TYR C 156 -24.07 -9.51 18.06
C TYR C 156 -25.34 -8.68 18.34
N ASP C 157 -25.58 -7.66 17.52
CA ASP C 157 -26.73 -6.79 17.73
C ASP C 157 -27.89 -7.13 16.79
N ALA C 158 -27.74 -8.19 16.00
CA ALA C 158 -28.81 -8.66 15.14
C ALA C 158 -28.77 -10.17 15.03
N ASP C 159 -29.51 -10.85 15.89
CA ASP C 159 -29.52 -12.32 15.93
C ASP C 159 -30.53 -12.91 14.96
N HIS C 160 -30.03 -13.54 13.90
CA HIS C 160 -30.90 -14.20 12.94
C HIS C 160 -30.61 -15.70 12.88
N ASP C 161 -29.71 -16.16 13.75
CA ASP C 161 -29.24 -17.55 13.71
C ASP C 161 -30.27 -18.50 14.29
N SER C 162 -30.06 -19.79 14.07
CA SER C 162 -31.02 -20.81 14.47
C SER C 162 -30.67 -21.38 15.84
N SER C 163 -29.76 -20.72 16.55
CA SER C 163 -29.46 -21.08 17.93
C SER C 163 -30.40 -20.37 18.89
N ASN C 164 -30.07 -20.40 20.17
CA ASN C 164 -30.82 -19.69 21.20
C ASN C 164 -29.88 -18.80 22.01
N SER C 165 -28.59 -19.12 21.97
CA SER C 165 -27.58 -18.16 22.37
C SER C 165 -27.49 -17.16 21.22
N ASN C 166 -26.71 -16.11 21.39
CA ASN C 166 -26.37 -15.26 20.27
C ASN C 166 -25.08 -15.79 19.66
N CYS C 167 -25.22 -16.54 18.56
CA CYS C 167 -24.07 -17.17 17.91
C CYS C 167 -22.88 -16.23 17.76
N ALA C 168 -23.14 -15.00 17.29
CA ALA C 168 -22.07 -14.01 17.12
C ALA C 168 -21.34 -13.72 18.43
N VAL C 169 -22.11 -13.49 19.50
CA VAL C 169 -21.53 -13.22 20.82
C VAL C 169 -20.82 -14.44 21.41
N ILE C 170 -21.47 -15.60 21.31
CA ILE C 170 -20.85 -16.84 21.79
C ILE C 170 -19.51 -17.09 21.10
N VAL C 171 -19.52 -17.11 19.77
CA VAL C 171 -18.31 -17.44 18.99
C VAL C 171 -17.50 -16.20 18.61
N HIS C 172 -17.89 -15.04 19.13
CA HIS C 172 -17.21 -13.75 18.89
C HIS C 172 -16.83 -13.47 17.43
N GLY C 173 -17.85 -13.37 16.59
CA GLY C 173 -17.66 -13.10 15.16
C GLY C 173 -18.96 -12.64 14.51
N ALA C 174 -19.01 -12.72 13.19
CA ALA C 174 -20.22 -12.44 12.42
C ALA C 174 -20.21 -13.37 11.21
N TRP C 175 -21.36 -13.93 10.89
CA TRP C 175 -21.40 -14.97 9.87
C TRP C 175 -22.83 -15.32 9.58
N TRP C 176 -23.05 -16.14 8.57
CA TRP C 176 -24.38 -16.68 8.32
C TRP C 176 -24.63 -17.89 9.25
N TYR C 177 -24.56 -17.63 10.55
CA TYR C 177 -24.64 -18.67 11.57
C TYR C 177 -25.90 -19.54 11.50
N ALA C 178 -25.69 -20.84 11.70
CA ALA C 178 -26.80 -21.74 11.96
C ALA C 178 -26.91 -21.81 13.48
N SER C 179 -26.15 -22.71 14.09
CA SER C 179 -26.24 -22.92 15.53
C SER C 179 -25.09 -23.78 16.07
N CYS C 180 -23.84 -23.33 15.88
CA CYS C 180 -23.56 -22.04 15.23
C CYS C 180 -22.86 -22.14 13.86
N TYR C 181 -21.69 -22.75 13.80
CA TYR C 181 -20.94 -22.73 12.55
C TYR C 181 -20.15 -23.98 12.11
N ARG C 182 -19.66 -23.95 10.88
N ARG C 182 -19.68 -23.91 10.87
CA ARG C 182 -18.65 -24.90 10.45
CA ARG C 182 -18.78 -24.89 10.28
C ARG C 182 -17.52 -24.10 9.81
C ARG C 182 -17.67 -24.10 9.60
N SER C 183 -17.72 -22.78 9.78
CA SER C 183 -16.70 -21.85 9.28
C SER C 183 -16.92 -20.51 10.01
N ASN C 184 -15.84 -19.93 10.52
CA ASN C 184 -15.90 -18.73 11.34
C ASN C 184 -14.78 -17.75 10.99
N LEU C 185 -14.69 -17.34 9.73
CA LEU C 185 -13.54 -16.58 9.25
C LEU C 185 -13.49 -15.12 9.71
N ASN C 186 -14.63 -14.60 10.15
CA ASN C 186 -14.64 -13.26 10.73
C ASN C 186 -14.54 -13.34 12.25
N GLY C 187 -13.91 -14.42 12.72
CA GLY C 187 -13.78 -14.68 14.14
C GLY C 187 -12.60 -13.98 14.80
N ARG C 188 -12.50 -14.12 16.12
CA ARG C 188 -11.45 -13.46 16.88
C ARG C 188 -10.08 -13.95 16.45
N TYR C 189 -9.11 -13.04 16.39
CA TYR C 189 -7.79 -13.38 15.88
C TYR C 189 -6.83 -13.86 16.94
N ALA C 190 -6.14 -14.96 16.63
CA ALA C 190 -5.15 -15.55 17.51
C ALA C 190 -3.75 -15.49 16.88
N VAL C 191 -2.83 -14.86 17.61
CA VAL C 191 -1.45 -14.63 17.15
C VAL C 191 -0.66 -15.92 16.92
N SER C 192 -1.05 -16.99 17.62
CA SER C 192 -0.38 -18.29 17.52
C SER C 192 -1.36 -19.38 17.92
N GLU C 193 -1.06 -20.63 17.57
CA GLU C 193 -1.93 -21.77 17.93
C GLU C 193 -1.96 -21.99 19.44
N ALA C 194 -0.88 -21.61 20.11
CA ALA C 194 -0.80 -21.69 21.56
C ALA C 194 -1.67 -20.61 22.21
N ALA C 195 -1.88 -19.51 21.48
CA ALA C 195 -2.70 -18.41 21.97
C ALA C 195 -4.09 -18.51 21.36
N ALA C 196 -4.52 -19.72 21.05
CA ALA C 196 -5.78 -19.95 20.34
C ALA C 196 -7.00 -19.84 21.24
N HIS C 197 -8.05 -19.23 20.71
CA HIS C 197 -9.31 -19.10 21.42
C HIS C 197 -10.17 -20.31 21.04
N LYS C 198 -11.00 -20.78 21.96
CA LYS C 198 -11.83 -21.95 21.71
C LYS C 198 -12.45 -21.88 20.31
N TYR C 199 -13.40 -20.96 20.13
CA TYR C 199 -14.01 -20.72 18.82
C TYR C 199 -13.34 -19.52 18.15
N GLY C 200 -12.55 -19.78 17.11
CA GLY C 200 -11.84 -18.71 16.39
C GLY C 200 -11.99 -18.78 14.88
N ILE C 201 -10.96 -18.37 14.16
CA ILE C 201 -11.00 -18.36 12.71
C ILE C 201 -10.90 -19.79 12.15
N ASP C 202 -12.01 -20.52 12.25
CA ASP C 202 -12.03 -21.97 12.03
C ASP C 202 -12.67 -22.39 10.72
N TRP C 203 -12.23 -23.54 10.22
CA TRP C 203 -12.79 -24.15 9.02
C TRP C 203 -12.86 -25.64 9.33
N ALA C 204 -14.06 -26.09 9.74
CA ALA C 204 -14.26 -27.44 10.27
C ALA C 204 -13.65 -28.58 9.43
N SER C 205 -13.90 -28.56 8.12
CA SER C 205 -13.38 -29.60 7.23
C SER C 205 -11.87 -29.52 7.06
N GLY C 206 -11.26 -28.47 7.58
CA GLY C 206 -9.80 -28.38 7.62
C GLY C 206 -9.28 -28.51 9.04
N ARG C 207 -8.32 -27.67 9.39
CA ARG C 207 -7.72 -27.70 10.73
C ARG C 207 -8.75 -27.95 11.83
N GLY C 208 -10.01 -27.59 11.58
CA GLY C 208 -11.12 -27.95 12.45
C GLY C 208 -11.40 -26.95 13.56
N VAL C 209 -12.60 -27.04 14.14
CA VAL C 209 -13.05 -26.12 15.18
C VAL C 209 -12.13 -26.14 16.39
N GLY C 210 -11.38 -25.07 16.59
CA GLY C 210 -10.47 -24.98 17.73
C GLY C 210 -9.04 -24.83 17.27
N HIS C 211 -8.82 -25.04 15.98
CA HIS C 211 -7.52 -24.84 15.38
C HIS C 211 -7.61 -23.76 14.32
N PRO C 212 -7.32 -22.51 14.72
CA PRO C 212 -7.42 -21.32 13.86
C PRO C 212 -6.32 -21.27 12.80
N TYR C 213 -6.59 -20.49 11.75
CA TYR C 213 -5.61 -20.25 10.71
C TYR C 213 -4.94 -18.91 10.98
N ARG C 214 -3.82 -18.66 10.29
CA ARG C 214 -3.06 -17.45 10.50
C ARG C 214 -3.48 -16.35 9.50
N ARG C 215 -3.68 -16.76 8.26
CA ARG C 215 -4.12 -15.88 7.19
C ARG C 215 -5.31 -16.47 6.47
N VAL C 216 -6.16 -15.59 5.95
CA VAL C 216 -7.38 -15.97 5.27
C VAL C 216 -7.74 -14.89 4.24
N ARG C 217 -8.18 -15.30 3.06
CA ARG C 217 -8.78 -14.36 2.10
C ARG C 217 -10.10 -14.97 1.62
N MET C 218 -11.05 -14.14 1.21
CA MET C 218 -12.24 -14.66 0.51
C MET C 218 -12.42 -13.81 -0.74
N MET C 219 -12.58 -14.46 -1.88
CA MET C 219 -12.46 -13.77 -3.15
C MET C 219 -13.48 -14.20 -4.16
N LEU C 220 -13.85 -13.31 -5.06
CA LEU C 220 -14.87 -13.60 -6.10
C LEU C 220 -14.35 -13.30 -7.51
N ARG C 221 -14.84 -14.05 -8.49
CA ARG C 221 -14.50 -13.77 -9.89
C ARG C 221 -15.64 -14.12 -10.84
#